data_7JXD
#
_entry.id   7JXD
#
_cell.length_a   59.091
_cell.length_b   63.285
_cell.length_c   113.895
_cell.angle_alpha   90.000
_cell.angle_beta   103.970
_cell.angle_gamma   90.000
#
_symmetry.space_group_name_H-M   'P 1 21 1'
#
loop_
_entity.id
_entity.type
_entity.pdbx_description
1 polymer 'S2A4 antigen-binding (Fab) fragment'
2 polymer 'S2A4 antigen-binding (Fab) fragment'
3 water water
#
loop_
_entity_poly.entity_id
_entity_poly.type
_entity_poly.pdbx_seq_one_letter_code
_entity_poly.pdbx_strand_id
1 'polypeptide(L)'
;EVQLVESGGGLVQPGGSLRLSCAASGFTFSSYWMNWVRQAPGKGLEWVANIKQDGSEKYYVDSVKGRFTISRDNAKNSLF
LQMNSLRAEDTAVYYCARVWWLRGSFDYWGQGTLVTVSSASTKGPSVFPLAPSSKSTSGGTAALGCLVKDYFPEPVTVSW
NSGALTSGVHTFPAVLQSSGLYSLSSVVTVPSSSLGTQTYICNVNHKPSNTKVDKKVEPKSCDKTHTC
;
A,C
2 'polypeptide(L)'
;NFMLTQPHSVSESPGKTVTISCTGSSGSIASNYVQWYQQRPGSAPTTVIYEDNQRPSGVPDRFSGSIDSSSNSASLTISG
LKTEDEADYYCQSYDSSNHVVFGGGTKLTVLGQPKAAPSVTLFPPSSEELQANKATLVCLISDFYPGAVTVAWKADSSPV
KAGVETTTPSKQSNNKYAASSYLSLTPEQWKSHRSYSCQVTHEGSTVEKTVAPTECS
;
B,D
#
# COMPACT_ATOMS: atom_id res chain seq x y z
N GLU A 1 26.40 -12.40 -7.80
CA GLU A 1 26.72 -11.74 -6.54
C GLU A 1 25.67 -12.02 -5.47
N VAL A 2 26.09 -11.95 -4.21
CA VAL A 2 25.15 -11.94 -3.09
C VAL A 2 24.50 -10.57 -3.02
N GLN A 3 23.19 -10.53 -2.88
CA GLN A 3 22.46 -9.27 -2.85
C GLN A 3 21.30 -9.38 -1.88
N LEU A 4 21.24 -8.46 -0.91
CA LEU A 4 20.13 -8.33 0.01
C LEU A 4 19.47 -6.98 -0.25
N VAL A 5 18.20 -7.00 -0.64
CA VAL A 5 17.48 -5.78 -1.00
C VAL A 5 16.36 -5.59 0.01
N GLU A 6 16.50 -4.59 0.87
CA GLU A 6 15.45 -4.26 1.82
C GLU A 6 14.38 -3.42 1.16
N SER A 7 13.18 -3.47 1.73
CA SER A 7 12.06 -2.68 1.22
C SER A 7 10.99 -2.61 2.30
N GLY A 8 10.03 -1.73 2.08
CA GLY A 8 8.92 -1.57 3.01
C GLY A 8 9.14 -0.55 4.10
N GLY A 9 10.20 0.22 4.05
CA GLY A 9 10.44 1.25 5.04
C GLY A 9 9.75 2.55 4.68
N GLY A 10 9.40 3.32 5.71
CA GLY A 10 8.74 4.58 5.50
C GLY A 10 8.53 5.31 6.81
N LEU A 11 7.52 6.17 6.82
CA LEU A 11 7.21 7.03 7.95
C LEU A 11 5.94 6.54 8.64
N VAL A 12 5.93 6.59 9.96
CA VAL A 12 4.81 6.10 10.77
C VAL A 12 4.71 6.96 12.02
N GLN A 13 3.48 7.23 12.46
CA GLN A 13 3.28 7.92 13.72
C GLN A 13 3.63 7.00 14.89
N PRO A 14 3.97 7.57 16.05
CA PRO A 14 4.24 6.73 17.23
C PRO A 14 3.07 5.82 17.55
N GLY A 15 3.35 4.52 17.62
CA GLY A 15 2.36 3.52 17.92
C GLY A 15 1.87 2.72 16.74
N GLY A 16 2.31 3.06 15.53
CA GLY A 16 1.86 2.38 14.34
C GLY A 16 2.59 1.08 14.10
N SER A 17 2.52 0.60 12.86
CA SER A 17 3.11 -0.68 12.50
C SER A 17 3.70 -0.58 11.09
N LEU A 18 4.78 -1.34 10.88
CA LEU A 18 5.44 -1.39 9.58
C LEU A 18 6.02 -2.79 9.40
N ARG A 19 6.12 -3.22 8.15
CA ARG A 19 6.67 -4.54 7.83
C ARG A 19 7.77 -4.39 6.78
N LEU A 20 8.99 -4.78 7.15
CA LEU A 20 10.09 -4.82 6.21
C LEU A 20 10.20 -6.19 5.55
N SER A 21 10.73 -6.20 4.33
CA SER A 21 11.04 -7.42 3.61
C SER A 21 12.46 -7.30 3.08
N CYS A 22 13.13 -8.45 2.98
CA CYS A 22 14.49 -8.51 2.43
C CYS A 22 14.52 -9.58 1.37
N ALA A 23 14.69 -9.17 0.11
CA ALA A 23 14.82 -10.10 -1.00
C ALA A 23 16.27 -10.57 -1.11
N ALA A 24 16.48 -11.87 -0.90
CA ALA A 24 17.81 -12.45 -0.99
C ALA A 24 18.03 -13.05 -2.38
N SER A 25 19.30 -13.09 -2.79
CA SER A 25 19.65 -13.52 -4.14
C SER A 25 21.14 -13.84 -4.17
N GLY A 26 21.49 -14.84 -4.97
CA GLY A 26 22.88 -15.18 -5.21
C GLY A 26 23.51 -16.17 -4.27
N PHE A 27 22.72 -16.86 -3.44
CA PHE A 27 23.26 -17.86 -2.52
C PHE A 27 22.10 -18.70 -1.99
N THR A 28 22.45 -19.81 -1.37
CA THR A 28 21.47 -20.70 -0.76
C THR A 28 20.93 -20.03 0.50
N PHE A 29 19.76 -19.39 0.38
CA PHE A 29 19.18 -18.64 1.49
C PHE A 29 18.92 -19.53 2.70
N SER A 30 18.44 -20.75 2.47
CA SER A 30 18.04 -21.66 3.53
C SER A 30 19.21 -22.23 4.33
N SER A 31 20.45 -21.87 4.00
CA SER A 31 21.61 -22.41 4.71
C SER A 31 22.17 -21.48 5.78
N TYR A 32 21.69 -20.24 5.88
CA TYR A 32 22.34 -19.22 6.67
C TYR A 32 21.41 -18.61 7.71
N TRP A 33 21.97 -18.30 8.87
CA TRP A 33 21.32 -17.40 9.80
C TRP A 33 21.16 -16.02 9.16
N MET A 34 20.13 -15.30 9.58
CA MET A 34 19.84 -13.99 9.03
C MET A 34 19.58 -13.00 10.15
N ASN A 35 19.97 -11.75 9.92
CA ASN A 35 19.96 -10.73 10.96
C ASN A 35 19.26 -9.46 10.47
N TRP A 36 18.67 -8.73 11.41
CA TRP A 36 18.26 -7.34 11.21
C TRP A 36 19.05 -6.48 12.18
N VAL A 37 19.68 -5.44 11.67
CA VAL A 37 20.47 -4.51 12.47
C VAL A 37 20.19 -3.10 12.00
N ARG A 38 19.95 -2.19 12.96
CA ARG A 38 19.50 -0.85 12.65
C ARG A 38 20.52 0.17 13.12
N GLN A 39 20.53 1.34 12.46
CA GLN A 39 21.46 2.42 12.81
C GLN A 39 20.69 3.73 12.78
N ALA A 40 20.38 4.27 13.95
CA ALA A 40 19.73 5.57 14.04
C ALA A 40 20.61 6.63 13.40
N PRO A 41 20.01 7.67 12.80
CA PRO A 41 20.80 8.66 12.05
C PRO A 41 21.96 9.25 12.84
N GLY A 42 23.18 9.08 12.31
CA GLY A 42 24.36 9.63 12.96
C GLY A 42 24.79 8.92 14.22
N LYS A 43 24.30 7.71 14.45
CA LYS A 43 24.61 6.96 15.67
C LYS A 43 25.20 5.60 15.30
N GLY A 44 25.38 4.75 16.32
CA GLY A 44 26.03 3.48 16.11
C GLY A 44 25.10 2.38 15.67
N LEU A 45 25.70 1.23 15.32
CA LEU A 45 24.92 0.07 14.92
C LEU A 45 24.35 -0.64 16.14
N GLU A 46 23.08 -1.03 16.04
CA GLU A 46 22.41 -1.78 17.09
C GLU A 46 21.71 -2.98 16.48
N TRP A 47 22.06 -4.18 16.96
CA TRP A 47 21.46 -5.41 16.45
C TRP A 47 20.02 -5.55 16.95
N VAL A 48 19.13 -5.92 16.04
CA VAL A 48 17.71 -6.01 16.37
C VAL A 48 17.30 -7.46 16.64
N ALA A 49 17.47 -8.32 15.64
CA ALA A 49 17.01 -9.69 15.77
C ALA A 49 17.74 -10.59 14.78
N ASN A 50 17.74 -11.88 15.07
CA ASN A 50 18.29 -12.88 14.17
C ASN A 50 17.39 -14.11 14.16
N ILE A 51 17.54 -14.92 13.12
CA ILE A 51 16.70 -16.10 12.93
C ILE A 51 17.57 -17.23 12.38
N LYS A 52 17.33 -18.45 12.88
CA LYS A 52 18.05 -19.61 12.41
C LYS A 52 17.77 -19.85 10.92
N GLN A 53 18.66 -20.60 10.27
CA GLN A 53 18.56 -20.83 8.84
C GLN A 53 17.24 -21.46 8.43
N ASP A 54 16.49 -22.03 9.38
CA ASP A 54 15.21 -22.67 9.08
C ASP A 54 14.09 -22.15 9.98
N GLY A 55 14.24 -20.96 10.53
CA GLY A 55 13.22 -20.37 11.37
C GLY A 55 12.98 -21.07 12.70
N SER A 56 13.84 -22.01 13.09
CA SER A 56 13.59 -22.82 14.27
C SER A 56 13.61 -21.99 15.55
N GLU A 57 14.49 -20.99 15.61
CA GLU A 57 14.65 -20.20 16.82
C GLU A 57 14.95 -18.77 16.44
N LYS A 58 14.43 -17.83 17.23
CA LYS A 58 14.59 -16.41 16.99
C LYS A 58 15.02 -15.72 18.28
N TYR A 59 15.87 -14.71 18.14
CA TYR A 59 16.35 -13.92 19.27
C TYR A 59 16.21 -12.44 18.95
N TYR A 60 15.90 -11.65 19.97
CA TYR A 60 15.62 -10.23 19.81
C TYR A 60 16.40 -9.43 20.84
N VAL A 61 16.69 -8.17 20.47
CA VAL A 61 17.17 -7.21 21.46
C VAL A 61 16.02 -6.85 22.39
N ASP A 62 16.34 -6.60 23.66
CA ASP A 62 15.30 -6.47 24.68
C ASP A 62 14.37 -5.30 24.40
N SER A 63 14.86 -4.25 23.73
CA SER A 63 14.04 -3.06 23.51
C SER A 63 12.93 -3.28 22.47
N VAL A 64 12.94 -4.42 21.77
CA VAL A 64 11.91 -4.72 20.77
C VAL A 64 11.10 -5.96 21.12
N LYS A 65 11.44 -6.64 22.21
CA LYS A 65 10.71 -7.84 22.61
C LYS A 65 9.23 -7.53 22.81
N GLY A 66 8.38 -8.41 22.30
CA GLY A 66 6.95 -8.20 22.33
C GLY A 66 6.42 -7.24 21.30
N ARG A 67 7.28 -6.45 20.67
CA ARG A 67 6.89 -5.52 19.62
C ARG A 67 7.30 -5.95 18.22
N PHE A 68 8.42 -6.64 18.08
CA PHE A 68 8.97 -7.00 16.78
C PHE A 68 8.90 -8.51 16.57
N THR A 69 8.74 -8.92 15.31
CA THR A 69 8.73 -10.33 14.92
C THR A 69 9.57 -10.51 13.67
N ILE A 70 10.59 -11.35 13.76
CA ILE A 70 11.40 -11.73 12.61
C ILE A 70 10.85 -13.05 12.07
N SER A 71 10.90 -13.21 10.75
CA SER A 71 10.39 -14.41 10.11
C SER A 71 11.05 -14.53 8.74
N ARG A 72 10.97 -15.73 8.17
CA ARG A 72 11.64 -15.99 6.91
C ARG A 72 10.84 -16.99 6.09
N ASP A 73 10.98 -16.91 4.77
CA ASP A 73 10.38 -17.85 3.83
C ASP A 73 11.51 -18.33 2.92
N ASN A 74 12.03 -19.53 3.20
CA ASN A 74 13.20 -20.01 2.47
C ASN A 74 12.88 -20.38 1.03
N ALA A 75 11.60 -20.61 0.71
CA ALA A 75 11.22 -20.92 -0.66
C ALA A 75 11.18 -19.68 -1.55
N LYS A 76 10.90 -18.52 -0.97
CA LYS A 76 10.83 -17.26 -1.69
C LYS A 76 12.04 -16.39 -1.43
N ASN A 77 13.04 -16.93 -0.71
CA ASN A 77 14.26 -16.22 -0.28
C ASN A 77 13.93 -14.87 0.33
N SER A 78 13.06 -14.87 1.33
CA SER A 78 12.58 -13.63 1.93
C SER A 78 12.82 -13.62 3.43
N LEU A 79 13.23 -12.46 3.94
CA LEU A 79 13.34 -12.21 5.37
C LEU A 79 12.44 -11.03 5.72
N PHE A 80 11.68 -11.15 6.81
CA PHE A 80 10.76 -10.12 7.21
C PHE A 80 11.04 -9.62 8.62
N LEU A 81 10.62 -8.39 8.89
CA LEU A 81 10.62 -7.84 10.23
C LEU A 81 9.30 -7.11 10.42
N GLN A 82 8.41 -7.67 11.24
CA GLN A 82 7.13 -7.06 11.53
C GLN A 82 7.26 -6.26 12.82
N MET A 83 7.06 -4.95 12.72
CA MET A 83 7.18 -4.05 13.87
C MET A 83 5.82 -3.55 14.30
N ASN A 84 5.52 -3.71 15.59
CA ASN A 84 4.30 -3.19 16.19
C ASN A 84 4.66 -2.26 17.34
N SER A 85 3.71 -1.38 17.69
CA SER A 85 3.90 -0.41 18.76
C SER A 85 5.17 0.41 18.55
N LEU A 86 5.38 0.82 17.29
CA LEU A 86 6.60 1.53 16.94
C LEU A 86 6.77 2.80 17.76
N ARG A 87 8.02 3.06 18.17
CA ARG A 87 8.37 4.26 18.90
C ARG A 87 9.34 5.10 18.08
N ALA A 88 9.48 6.36 18.47
CA ALA A 88 10.46 7.23 17.83
C ALA A 88 11.89 6.75 18.05
N GLU A 89 12.14 5.98 19.12
CA GLU A 89 13.45 5.37 19.32
C GLU A 89 13.81 4.45 18.17
N ASP A 90 12.81 3.75 17.62
CA ASP A 90 13.06 2.79 16.54
C ASP A 90 13.45 3.44 15.23
N THR A 91 13.48 4.78 15.16
CA THR A 91 13.87 5.47 13.94
C THR A 91 15.31 5.13 13.59
N ALA A 92 15.51 4.50 12.44
CA ALA A 92 16.83 4.07 12.02
C ALA A 92 16.76 3.57 10.58
N VAL A 93 17.94 3.43 9.98
CA VAL A 93 18.08 2.65 8.75
C VAL A 93 18.26 1.20 9.15
N TYR A 94 17.35 0.34 8.71
CA TYR A 94 17.34 -1.06 9.10
C TYR A 94 18.04 -1.88 8.02
N TYR A 95 19.09 -2.60 8.42
CA TYR A 95 19.95 -3.33 7.50
C TYR A 95 19.64 -4.82 7.52
N CYS A 96 19.48 -5.40 6.34
CA CYS A 96 19.41 -6.85 6.19
C CYS A 96 20.84 -7.39 6.12
N ALA A 97 21.17 -8.34 7.00
CA ALA A 97 22.55 -8.81 7.11
C ALA A 97 22.60 -10.31 7.27
N ARG A 98 23.44 -10.95 6.46
CA ARG A 98 23.73 -12.38 6.59
C ARG A 98 24.98 -12.56 7.42
N VAL A 99 24.92 -13.45 8.41
CA VAL A 99 26.09 -13.82 9.19
C VAL A 99 26.61 -15.15 8.66
N TRP A 100 27.93 -15.31 8.69
CA TRP A 100 28.55 -16.47 8.04
C TRP A 100 28.30 -17.76 8.82
N TRP A 101 28.17 -17.68 10.14
CA TRP A 101 27.58 -18.75 10.94
C TRP A 101 27.13 -18.13 12.25
N LEU A 102 26.62 -18.97 13.16
CA LEU A 102 25.98 -18.46 14.37
C LEU A 102 26.89 -17.54 15.17
N ARG A 103 28.20 -17.76 15.12
CA ARG A 103 29.15 -16.90 15.82
C ARG A 103 30.17 -16.30 14.85
N GLY A 104 29.77 -16.08 13.60
CA GLY A 104 30.65 -15.58 12.57
C GLY A 104 30.55 -14.09 12.37
N SER A 105 30.97 -13.63 11.20
CA SER A 105 31.00 -12.23 10.86
C SER A 105 29.85 -11.86 9.93
N PHE A 106 29.25 -10.69 10.17
CA PHE A 106 28.24 -10.14 9.28
C PHE A 106 28.89 -9.81 7.94
N ASP A 107 28.93 -10.78 7.03
CA ASP A 107 29.73 -10.66 5.82
C ASP A 107 28.98 -10.03 4.65
N TYR A 108 27.66 -9.92 4.70
CA TYR A 108 26.89 -9.37 3.60
C TYR A 108 25.76 -8.51 4.13
N TRP A 109 25.69 -7.27 3.66
CA TRP A 109 24.68 -6.32 4.09
C TRP A 109 23.89 -5.80 2.89
N GLY A 110 22.72 -5.24 3.18
CA GLY A 110 21.97 -4.50 2.19
C GLY A 110 22.28 -3.01 2.26
N GLN A 111 21.67 -2.26 1.34
CA GLN A 111 21.80 -0.82 1.39
C GLN A 111 20.97 -0.20 2.50
N GLY A 112 20.02 -0.95 3.05
CA GLY A 112 19.21 -0.48 4.16
C GLY A 112 17.93 0.20 3.69
N THR A 113 16.96 0.25 4.61
CA THR A 113 15.71 0.96 4.39
C THR A 113 15.42 1.81 5.62
N LEU A 114 14.98 3.05 5.38
CA LEU A 114 14.83 4.03 6.45
C LEU A 114 13.43 3.94 7.05
N VAL A 115 13.36 3.67 8.34
CA VAL A 115 12.11 3.71 9.10
C VAL A 115 12.14 4.97 9.96
N THR A 116 11.16 5.84 9.77
CA THR A 116 11.04 7.07 10.54
C THR A 116 9.75 7.01 11.33
N VAL A 117 9.86 7.12 12.66
CA VAL A 117 8.71 7.16 13.54
C VAL A 117 8.69 8.54 14.19
N SER A 118 7.76 9.38 13.75
CA SER A 118 7.72 10.76 14.18
C SER A 118 6.28 11.23 14.29
N SER A 119 6.02 12.04 15.31
CA SER A 119 4.74 12.73 15.41
C SER A 119 4.57 13.80 14.34
N ALA A 120 5.64 14.14 13.63
CA ALA A 120 5.55 15.11 12.55
C ALA A 120 4.87 14.50 11.33
N SER A 121 3.97 15.27 10.72
CA SER A 121 3.30 14.85 9.49
C SER A 121 4.06 15.36 8.28
N THR A 122 3.80 14.74 7.13
CA THR A 122 4.43 15.14 5.88
C THR A 122 4.07 16.58 5.53
N LYS A 123 5.06 17.48 5.58
CA LYS A 123 4.83 18.90 5.34
C LYS A 123 5.78 19.42 4.28
N GLY A 124 5.26 20.28 3.40
CA GLY A 124 6.07 20.92 2.41
C GLY A 124 6.85 22.09 2.98
N PRO A 125 7.97 22.44 2.35
CA PRO A 125 8.82 23.51 2.88
C PRO A 125 8.30 24.89 2.51
N SER A 126 8.85 25.88 3.20
CA SER A 126 8.71 27.29 2.84
C SER A 126 10.05 27.77 2.29
N VAL A 127 10.04 28.26 1.06
CA VAL A 127 11.26 28.68 0.38
C VAL A 127 11.35 30.19 0.45
N PHE A 128 12.41 30.69 1.08
CA PHE A 128 12.67 32.12 1.17
C PHE A 128 14.00 32.44 0.50
N PRO A 129 14.11 33.62 -0.13
CA PRO A 129 15.38 34.00 -0.75
C PRO A 129 16.35 34.62 0.25
N LEU A 130 17.60 34.20 0.16
CA LEU A 130 18.67 34.77 0.98
C LEU A 130 19.30 35.90 0.18
N ALA A 131 18.73 37.10 0.34
CA ALA A 131 19.16 38.23 -0.47
C ALA A 131 20.51 38.76 0.02
N PRO A 132 21.44 39.04 -0.90
CA PRO A 132 22.78 39.56 -0.58
C PRO A 132 22.74 41.00 -0.08
N THR A 141 32.50 40.11 -5.73
CA THR A 141 31.90 38.80 -5.46
C THR A 141 30.99 38.83 -4.25
N ALA A 142 29.73 38.42 -4.45
CA ALA A 142 28.73 38.39 -3.39
C ALA A 142 28.13 36.99 -3.29
N ALA A 143 27.37 36.77 -2.22
CA ALA A 143 26.75 35.48 -1.94
C ALA A 143 25.25 35.66 -1.77
N LEU A 144 24.50 34.75 -2.37
CA LEU A 144 23.04 34.72 -2.26
C LEU A 144 22.57 33.28 -2.35
N GLY A 145 21.41 33.01 -1.75
CA GLY A 145 20.94 31.65 -1.69
C GLY A 145 19.45 31.54 -1.45
N CYS A 146 19.01 30.31 -1.18
CA CYS A 146 17.62 29.98 -0.89
C CYS A 146 17.56 29.23 0.44
N LEU A 147 16.50 29.48 1.20
CA LEU A 147 16.31 28.86 2.51
C LEU A 147 15.10 27.94 2.45
N VAL A 148 15.35 26.63 2.50
CA VAL A 148 14.30 25.62 2.50
C VAL A 148 14.00 25.29 3.96
N LYS A 149 12.80 25.65 4.42
CA LYS A 149 12.50 25.70 5.85
C LYS A 149 11.28 24.85 6.18
N ASP A 150 11.39 24.08 7.28
CA ASP A 150 10.29 23.33 7.89
C ASP A 150 9.63 22.40 6.89
N TYR A 151 10.11 21.15 6.82
CA TYR A 151 9.72 20.34 5.69
C TYR A 151 9.98 18.89 6.09
N PHE A 152 9.11 17.98 5.67
CA PHE A 152 9.18 16.64 6.23
C PHE A 152 8.52 15.62 5.33
N PRO A 153 9.16 14.47 5.06
CA PRO A 153 10.53 14.20 5.50
C PRO A 153 11.57 14.62 4.46
N GLU A 154 12.73 13.99 4.49
CA GLU A 154 13.77 14.22 3.48
C GLU A 154 13.50 13.38 2.24
N PRO A 155 14.16 13.70 1.10
CA PRO A 155 15.14 14.76 0.83
C PRO A 155 14.56 15.93 0.04
N VAL A 156 15.43 16.89 -0.27
CA VAL A 156 15.11 18.00 -1.18
C VAL A 156 16.34 18.32 -2.02
N THR A 157 16.16 18.42 -3.32
CA THR A 157 17.20 18.82 -4.24
C THR A 157 17.05 20.29 -4.58
N VAL A 158 18.18 21.01 -4.60
CA VAL A 158 18.21 22.42 -4.94
C VAL A 158 19.11 22.59 -6.15
N SER A 159 18.67 23.39 -7.12
CA SER A 159 19.43 23.63 -8.33
C SER A 159 19.21 25.06 -8.78
N TRP A 160 20.25 25.63 -9.39
CA TRP A 160 20.18 26.99 -9.91
C TRP A 160 20.34 27.03 -11.43
N ASN A 161 20.20 25.90 -12.10
CA ASN A 161 20.36 25.83 -13.55
C ASN A 161 19.08 26.26 -14.27
N ALA A 164 21.96 31.86 -15.83
CA ALA A 164 22.04 31.94 -14.38
C ALA A 164 23.31 31.26 -13.87
N LEU A 165 24.42 31.52 -14.55
CA LEU A 165 25.68 30.86 -14.20
C LEU A 165 26.26 31.45 -12.92
N THR A 166 26.96 30.60 -12.18
CA THR A 166 27.48 30.97 -10.88
C THR A 166 28.99 30.76 -10.87
N SER A 167 29.67 31.47 -9.97
CA SER A 167 31.08 31.20 -9.71
C SER A 167 31.27 29.96 -8.85
N GLY A 168 30.20 29.44 -8.26
CA GLY A 168 30.26 28.27 -7.40
C GLY A 168 28.99 28.10 -6.59
N VAL A 169 28.60 26.86 -6.32
CA VAL A 169 27.39 26.55 -5.59
C VAL A 169 27.76 25.65 -4.42
N HIS A 170 26.95 25.71 -3.35
CA HIS A 170 27.11 24.77 -2.25
C HIS A 170 25.77 24.63 -1.52
N THR A 171 25.15 23.46 -1.66
CA THR A 171 23.94 23.14 -0.91
C THR A 171 24.32 22.47 0.40
N PHE A 172 23.93 23.08 1.51
CA PHE A 172 24.34 22.59 2.82
C PHE A 172 23.44 21.44 3.28
N PRO A 173 23.99 20.49 4.03
CA PRO A 173 23.16 19.41 4.58
C PRO A 173 22.09 19.96 5.53
N ALA A 174 20.95 19.28 5.54
CA ALA A 174 19.82 19.76 6.31
C ALA A 174 20.08 19.61 7.81
N VAL A 175 19.41 20.46 8.59
CA VAL A 175 19.40 20.39 10.04
C VAL A 175 18.04 19.85 10.46
N LEU A 176 18.00 19.11 11.57
CA LEU A 176 16.75 18.67 12.17
C LEU A 176 16.50 19.55 13.39
N GLN A 177 15.55 20.48 13.27
CA GLN A 177 15.32 21.45 14.33
C GLN A 177 14.66 20.77 15.53
N SER A 178 14.54 21.54 16.62
CA SER A 178 13.88 21.03 17.82
C SER A 178 12.42 20.66 17.55
N SER A 179 11.81 21.24 16.52
CA SER A 179 10.42 20.96 16.20
C SER A 179 10.21 19.55 15.66
N GLY A 180 11.26 18.91 15.16
CA GLY A 180 11.13 17.67 14.42
C GLY A 180 11.09 17.84 12.92
N LEU A 181 11.09 19.08 12.44
CA LEU A 181 11.14 19.39 11.03
C LEU A 181 12.56 19.77 10.65
N TYR A 182 12.91 19.54 9.39
CA TYR A 182 14.24 19.85 8.89
C TYR A 182 14.27 21.25 8.27
N SER A 183 15.50 21.74 8.04
CA SER A 183 15.74 23.00 7.34
C SER A 183 17.04 22.88 6.56
N LEU A 184 17.06 23.49 5.38
CA LEU A 184 18.19 23.36 4.46
C LEU A 184 18.48 24.71 3.82
N SER A 185 19.75 24.93 3.49
CA SER A 185 20.18 26.15 2.82
C SER A 185 21.14 25.80 1.69
N SER A 186 21.11 26.62 0.64
CA SER A 186 22.00 26.47 -0.50
C SER A 186 22.33 27.87 -1.02
N VAL A 187 23.61 28.11 -1.30
CA VAL A 187 24.06 29.42 -1.75
C VAL A 187 24.94 29.27 -2.98
N VAL A 188 25.01 30.36 -3.74
CA VAL A 188 25.88 30.45 -4.89
C VAL A 188 26.82 31.64 -4.69
N THR A 189 27.86 31.70 -5.52
CA THR A 189 28.80 32.81 -5.51
C THR A 189 28.76 33.48 -6.88
N VAL A 190 28.62 34.80 -6.88
CA VAL A 190 28.49 35.56 -8.12
C VAL A 190 29.21 36.89 -7.98
N PRO A 191 29.64 37.47 -9.10
CA PRO A 191 30.29 38.79 -9.04
C PRO A 191 29.36 39.83 -8.42
N SER A 192 29.97 40.74 -7.65
CA SER A 192 29.21 41.71 -6.86
C SER A 192 28.49 42.76 -7.71
N SER A 193 28.63 42.72 -9.04
CA SER A 193 27.91 43.64 -9.90
C SER A 193 26.88 42.98 -10.79
N SER A 194 26.96 41.65 -10.97
CA SER A 194 25.96 40.92 -11.73
C SER A 194 24.62 40.83 -11.01
N LEU A 195 24.54 41.32 -9.77
CA LEU A 195 23.33 41.26 -8.96
C LEU A 195 22.15 41.88 -9.67
N GLY A 196 22.17 43.21 -9.82
CA GLY A 196 21.09 43.91 -10.49
C GLY A 196 20.93 43.58 -11.96
N THR A 197 21.87 42.83 -12.54
CA THR A 197 21.78 42.47 -13.95
C THR A 197 21.22 41.06 -14.12
N GLN A 198 21.99 40.05 -13.70
CA GLN A 198 21.53 38.69 -13.91
C GLN A 198 20.41 38.31 -12.94
N THR A 199 19.61 37.35 -13.37
CA THR A 199 18.50 36.82 -12.60
C THR A 199 18.89 35.44 -12.07
N TYR A 200 18.86 35.27 -10.76
CA TYR A 200 19.31 34.04 -10.12
C TYR A 200 18.11 33.32 -9.50
N ILE A 201 17.94 32.06 -9.87
CA ILE A 201 16.75 31.28 -9.58
C ILE A 201 17.13 29.91 -9.05
N CYS A 202 16.55 29.52 -7.92
CA CYS A 202 16.82 28.24 -7.29
C CYS A 202 15.65 27.28 -7.51
N ASN A 203 15.97 26.01 -7.76
CA ASN A 203 14.98 24.97 -8.04
C ASN A 203 14.83 24.12 -6.79
N VAL A 204 13.80 24.39 -5.99
CA VAL A 204 13.53 23.59 -4.80
C VAL A 204 12.49 22.53 -5.14
N ASN A 205 12.75 21.29 -4.72
CA ASN A 205 11.91 20.16 -5.08
C ASN A 205 11.83 19.23 -3.87
N HIS A 206 10.63 19.08 -3.32
CA HIS A 206 10.35 18.19 -2.19
C HIS A 206 9.33 17.17 -2.68
N LYS A 207 9.83 16.01 -3.12
CA LYS A 207 8.98 14.98 -3.68
C LYS A 207 8.04 14.34 -2.66
N PRO A 208 8.44 14.10 -1.40
CA PRO A 208 7.49 13.54 -0.42
C PRO A 208 6.21 14.35 -0.20
N SER A 209 6.21 15.64 -0.52
CA SER A 209 5.02 16.47 -0.35
C SER A 209 4.56 17.11 -1.64
N ASN A 210 5.04 16.64 -2.80
CA ASN A 210 4.64 17.16 -4.11
C ASN A 210 4.85 18.67 -4.19
N THR A 211 6.01 19.12 -3.70
CA THR A 211 6.32 20.55 -3.61
C THR A 211 7.49 20.86 -4.52
N LYS A 212 7.24 21.67 -5.56
CA LYS A 212 8.27 22.19 -6.44
C LYS A 212 8.10 23.70 -6.53
N VAL A 213 9.11 24.44 -6.10
CA VAL A 213 9.05 25.90 -6.03
C VAL A 213 10.23 26.49 -6.79
N ASP A 214 9.96 27.54 -7.55
CA ASP A 214 10.98 28.29 -8.29
C ASP A 214 10.98 29.73 -7.78
N LYS A 215 12.15 30.20 -7.35
CA LYS A 215 12.26 31.49 -6.66
C LYS A 215 13.38 32.31 -7.26
N LYS A 216 13.05 33.49 -7.77
CA LYS A 216 14.06 34.50 -8.09
C LYS A 216 14.59 35.10 -6.79
N VAL A 217 15.91 35.14 -6.66
CA VAL A 217 16.57 35.75 -5.51
C VAL A 217 17.08 37.11 -5.94
N GLU A 218 16.47 38.17 -5.42
CA GLU A 218 16.79 39.53 -5.80
C GLU A 218 17.31 40.32 -4.61
N PRO A 219 18.29 41.20 -4.81
CA PRO A 219 18.82 42.01 -3.70
C PRO A 219 17.77 42.99 -3.21
N LYS A 220 17.53 42.99 -1.90
CA LYS A 220 16.54 43.86 -1.29
C LYS A 220 17.01 45.31 -1.28
N ASN B 1 24.14 -9.55 29.58
CA ASN B 1 24.59 -8.29 30.18
C ASN B 1 25.89 -7.82 29.55
N PHE B 2 26.39 -8.60 28.60
CA PHE B 2 27.63 -8.26 27.92
C PHE B 2 27.49 -6.96 27.13
N MET B 3 28.60 -6.23 27.05
CA MET B 3 28.65 -4.83 26.62
C MET B 3 30.05 -4.50 26.14
N LEU B 4 30.13 -3.76 25.04
CA LEU B 4 31.40 -3.34 24.47
C LEU B 4 31.49 -1.82 24.40
N THR B 5 32.65 -1.28 24.78
CA THR B 5 32.85 0.16 24.85
C THR B 5 34.07 0.55 24.03
N GLN B 6 33.91 1.54 23.16
CA GLN B 6 34.96 2.06 22.30
C GLN B 6 35.19 3.54 22.58
N PRO B 7 36.39 4.05 22.31
CA PRO B 7 36.59 5.51 22.35
C PRO B 7 35.72 6.18 21.31
N HIS B 8 35.17 7.35 21.68
CA HIS B 8 34.27 8.05 20.79
C HIS B 8 34.96 8.44 19.49
N SER B 9 36.18 8.95 19.58
CA SER B 9 36.89 9.44 18.40
C SER B 9 38.38 9.16 18.55
N VAL B 10 39.07 9.15 17.41
CA VAL B 10 40.52 8.97 17.37
C VAL B 10 41.03 9.65 16.10
N SER B 11 42.27 10.13 16.17
CA SER B 11 42.82 10.91 15.06
C SER B 11 44.33 10.73 15.00
N GLU B 12 44.88 10.96 13.81
CA GLU B 12 46.31 10.85 13.56
C GLU B 12 46.58 11.36 12.15
N SER B 13 47.86 11.60 11.86
CA SER B 13 48.32 12.05 10.56
C SER B 13 48.59 10.86 9.65
N PRO B 14 48.55 11.06 8.33
CA PRO B 14 48.76 9.95 7.41
C PRO B 14 50.15 9.32 7.58
N GLY B 15 50.17 7.98 7.61
CA GLY B 15 51.41 7.24 7.73
C GLY B 15 51.75 6.78 9.12
N LYS B 16 50.95 7.12 10.12
CA LYS B 16 51.21 6.75 11.50
C LYS B 16 50.17 5.75 11.98
N THR B 17 50.11 5.52 13.29
CA THR B 17 49.39 4.40 13.85
C THR B 17 48.36 4.86 14.88
N VAL B 18 47.18 4.23 14.86
CA VAL B 18 46.17 4.39 15.88
C VAL B 18 45.78 3.02 16.41
N THR B 19 45.15 3.02 17.59
CA THR B 19 44.67 1.80 18.22
C THR B 19 43.30 2.08 18.82
N ILE B 20 42.28 1.39 18.31
CA ILE B 20 40.91 1.53 18.79
C ILE B 20 40.61 0.36 19.70
N SER B 21 40.31 0.65 20.97
CA SER B 21 40.03 -0.39 21.95
C SER B 21 38.55 -0.72 22.00
N CYS B 22 38.26 -1.94 22.45
CA CYS B 22 36.89 -2.46 22.56
C CYS B 22 36.82 -3.19 23.90
N THR B 23 36.56 -2.43 24.97
CA THR B 23 36.61 -2.97 26.32
C THR B 23 35.30 -3.69 26.66
N GLY B 24 35.42 -4.95 27.06
CA GLY B 24 34.24 -5.73 27.40
C GLY B 24 33.77 -5.45 28.82
N SER B 25 32.45 -5.42 28.99
CA SER B 25 31.82 -5.10 30.26
C SER B 25 30.88 -6.22 30.66
N SER B 26 30.86 -6.53 31.96
CA SER B 26 29.98 -7.57 32.51
C SER B 26 30.05 -8.86 31.70
N GLY B 27 31.28 -9.28 31.41
CA GLY B 27 31.47 -10.48 30.62
C GLY B 27 32.95 -10.71 30.36
N SER B 28 33.22 -11.61 29.43
CA SER B 28 34.59 -12.01 29.10
C SER B 28 34.82 -11.82 27.61
N ILE B 29 35.80 -10.99 27.28
CA ILE B 29 36.12 -10.72 25.87
C ILE B 29 36.58 -11.98 25.16
N ALA B 30 37.24 -12.89 25.85
CA ALA B 30 37.82 -14.07 25.22
C ALA B 30 36.82 -15.20 25.02
N SER B 31 35.58 -15.06 25.52
CA SER B 31 34.61 -16.13 25.38
C SER B 31 34.17 -16.32 23.92
N ASN B 32 33.97 -15.23 23.20
CA ASN B 32 33.45 -15.29 21.84
C ASN B 32 34.31 -14.46 20.90
N TYR B 33 34.30 -14.87 19.62
CA TYR B 33 35.09 -14.18 18.60
C TYR B 33 34.67 -12.73 18.48
N VAL B 34 35.63 -11.88 18.14
CA VAL B 34 35.42 -10.44 18.02
C VAL B 34 35.60 -10.06 16.55
N GLN B 35 34.68 -9.26 16.03
CA GLN B 35 34.72 -8.77 14.66
C GLN B 35 34.90 -7.27 14.66
N TRP B 36 35.42 -6.75 13.54
CA TRP B 36 35.60 -5.31 13.33
C TRP B 36 35.07 -4.94 11.97
N TYR B 37 34.29 -3.87 11.91
CA TYR B 37 33.69 -3.39 10.67
C TYR B 37 34.06 -1.94 10.42
N GLN B 38 34.31 -1.62 9.15
CA GLN B 38 34.58 -0.25 8.72
C GLN B 38 33.37 0.23 7.92
N GLN B 39 32.56 1.08 8.54
CA GLN B 39 31.45 1.72 7.84
C GLN B 39 31.80 3.16 7.51
N ARG B 40 31.44 3.58 6.31
CA ARG B 40 31.70 4.94 5.88
C ARG B 40 30.41 5.72 5.71
N PRO B 41 30.46 7.04 5.59
CA PRO B 41 29.23 7.82 5.36
C PRO B 41 28.49 7.34 4.12
N GLY B 42 27.20 7.05 4.31
CA GLY B 42 26.36 6.66 3.19
C GLY B 42 26.63 5.27 2.64
N SER B 43 27.19 4.38 3.45
CA SER B 43 27.52 3.04 3.00
C SER B 43 27.21 2.03 4.11
N ALA B 44 27.04 0.77 3.69
CA ALA B 44 26.85 -0.32 4.63
C ALA B 44 28.21 -0.76 5.20
N PRO B 45 28.23 -1.25 6.45
CA PRO B 45 29.50 -1.66 7.04
C PRO B 45 30.12 -2.83 6.29
N THR B 46 31.45 -2.86 6.28
CA THR B 46 32.21 -3.94 5.70
C THR B 46 33.25 -4.44 6.71
N THR B 47 33.51 -5.74 6.68
CA THR B 47 34.39 -6.37 7.67
C THR B 47 35.85 -6.07 7.36
N VAL B 48 36.60 -5.67 8.39
CA VAL B 48 38.04 -5.56 8.30
C VAL B 48 38.76 -6.62 9.14
N ILE B 49 38.17 -7.05 10.25
CA ILE B 49 38.73 -8.11 11.08
C ILE B 49 37.57 -8.99 11.54
N TYR B 50 37.76 -10.30 11.46
CA TYR B 50 36.83 -11.27 12.01
C TYR B 50 37.59 -12.34 12.76
N GLU B 51 36.94 -12.95 13.74
CA GLU B 51 37.54 -14.01 14.55
C GLU B 51 38.84 -13.53 15.19
N ASP B 52 38.73 -12.43 15.93
CA ASP B 52 39.82 -11.82 16.70
C ASP B 52 40.89 -11.21 15.80
N ASN B 53 41.51 -12.01 14.92
CA ASN B 53 42.68 -11.53 14.19
C ASN B 53 42.72 -11.89 12.71
N GLN B 54 41.64 -12.43 12.15
CA GLN B 54 41.65 -12.80 10.73
C GLN B 54 41.29 -11.61 9.86
N ARG B 55 41.95 -11.51 8.71
CA ARG B 55 41.73 -10.43 7.76
C ARG B 55 41.07 -10.99 6.51
N PRO B 56 39.88 -10.49 6.12
CA PRO B 56 39.29 -10.92 4.85
C PRO B 56 40.21 -10.61 3.68
N SER B 57 40.04 -11.38 2.61
CA SER B 57 40.87 -11.21 1.42
C SER B 57 40.76 -9.78 0.89
N GLY B 58 41.90 -9.18 0.55
CA GLY B 58 41.95 -7.83 0.07
C GLY B 58 42.22 -6.77 1.13
N VAL B 59 41.90 -7.07 2.39
CA VAL B 59 42.13 -6.10 3.47
C VAL B 59 43.62 -6.03 3.75
N PRO B 60 44.22 -4.84 3.72
CA PRO B 60 45.69 -4.73 3.85
C PRO B 60 46.09 -5.00 5.30
N ASP B 61 47.38 -5.29 5.54
CA ASP B 61 47.68 -5.89 6.83
C ASP B 61 47.86 -4.80 7.85
N ARG B 62 47.88 -3.54 7.38
CA ARG B 62 47.81 -2.38 8.28
C ARG B 62 46.72 -2.54 9.35
N PHE B 63 45.62 -3.17 8.97
CA PHE B 63 44.57 -3.52 9.93
C PHE B 63 44.95 -4.80 10.64
N SER B 64 44.96 -4.75 11.97
CA SER B 64 45.33 -5.90 12.78
C SER B 64 44.44 -5.95 14.02
N GLY B 65 43.89 -7.12 14.30
CA GLY B 65 43.05 -7.34 15.45
C GLY B 65 43.79 -8.19 16.48
N SER B 66 43.62 -7.83 17.75
CA SER B 66 44.24 -8.57 18.84
C SER B 66 43.30 -8.59 20.04
N ILE B 67 43.61 -9.47 20.99
CA ILE B 67 42.80 -9.66 22.18
C ILE B 67 43.70 -9.48 23.40
N ASP B 68 43.24 -8.67 24.35
CA ASP B 68 43.93 -8.47 25.63
C ASP B 68 43.03 -9.08 26.71
N SER B 69 43.31 -10.34 27.04
CA SER B 69 42.51 -11.01 28.07
C SER B 69 42.69 -10.37 29.44
N SER B 70 43.86 -9.78 29.69
CA SER B 70 44.14 -9.23 31.02
C SER B 70 43.20 -8.07 31.33
N SER B 71 43.04 -7.14 30.39
CA SER B 71 42.19 -5.98 30.59
C SER B 71 40.79 -6.18 30.03
N ASN B 72 40.46 -7.39 29.58
CA ASN B 72 39.15 -7.72 29.01
C ASN B 72 38.81 -6.78 27.86
N SER B 73 39.73 -6.69 26.89
CA SER B 73 39.58 -5.74 25.80
C SER B 73 40.09 -6.34 24.50
N ALA B 74 39.60 -5.79 23.39
CA ALA B 74 40.09 -6.10 22.06
C ALA B 74 40.45 -4.79 21.38
N SER B 75 41.38 -4.86 20.43
CA SER B 75 41.87 -3.65 19.78
C SER B 75 42.07 -3.87 18.29
N LEU B 76 41.77 -2.84 17.51
CA LEU B 76 42.05 -2.80 16.08
C LEU B 76 43.13 -1.76 15.85
N THR B 77 44.31 -2.20 15.41
CA THR B 77 45.45 -1.31 15.18
C THR B 77 45.56 -1.03 13.70
N ILE B 78 45.56 0.25 13.33
CA ILE B 78 45.68 0.68 11.94
C ILE B 78 46.96 1.49 11.83
N SER B 79 47.96 0.92 11.14
CA SER B 79 49.24 1.57 10.90
C SER B 79 49.32 2.00 9.44
N GLY B 80 50.31 2.84 9.15
CA GLY B 80 50.46 3.38 7.81
C GLY B 80 49.18 4.00 7.31
N LEU B 81 48.63 4.93 8.10
CA LEU B 81 47.29 5.45 7.85
C LEU B 81 47.22 6.17 6.51
N LYS B 82 46.13 5.91 5.78
CA LYS B 82 45.77 6.67 4.59
C LYS B 82 44.51 7.47 4.89
N THR B 83 44.32 8.55 4.12
CA THR B 83 43.10 9.34 4.27
C THR B 83 41.86 8.49 3.96
N GLU B 84 41.99 7.52 3.06
CA GLU B 84 40.87 6.63 2.76
C GLU B 84 40.45 5.79 3.97
N ASP B 85 41.30 5.68 4.99
CA ASP B 85 40.93 4.96 6.20
C ASP B 85 39.96 5.74 7.07
N GLU B 86 39.47 6.89 6.60
CA GLU B 86 38.70 7.75 7.50
C GLU B 86 37.33 7.08 7.54
N ALA B 87 36.89 6.60 8.69
CA ALA B 87 35.56 5.99 8.72
C ALA B 87 35.13 5.77 10.16
N ASP B 88 34.01 5.08 10.32
CA ASP B 88 33.56 4.62 11.60
C ASP B 88 33.88 3.14 11.74
N TYR B 89 34.41 2.75 12.90
CA TYR B 89 34.84 1.39 13.13
C TYR B 89 34.08 0.83 14.32
N TYR B 90 33.53 -0.37 14.14
CA TYR B 90 32.70 -1.02 15.15
C TYR B 90 33.25 -2.40 15.45
N CYS B 91 33.34 -2.73 16.73
CA CYS B 91 33.58 -4.09 17.17
C CYS B 91 32.26 -4.73 17.56
N GLN B 92 32.18 -6.05 17.42
CA GLN B 92 30.99 -6.76 17.89
C GLN B 92 31.35 -8.21 18.17
N SER B 93 30.60 -8.79 19.10
CA SER B 93 30.75 -10.19 19.49
C SER B 93 29.39 -10.72 19.93
N TYR B 94 29.39 -11.62 20.91
CA TYR B 94 28.17 -12.25 21.38
C TYR B 94 28.20 -12.34 22.90
N ASP B 95 27.01 -12.38 23.50
CA ASP B 95 26.87 -12.60 24.93
C ASP B 95 26.52 -14.06 25.16
N SER B 96 26.11 -14.38 26.39
CA SER B 96 25.72 -15.75 26.72
C SER B 96 24.33 -16.10 26.20
N SER B 97 23.51 -15.10 25.89
CA SER B 97 22.10 -15.32 25.55
C SER B 97 21.84 -15.25 24.05
N ASN B 98 22.81 -15.67 23.24
CA ASN B 98 22.66 -15.74 21.78
C ASN B 98 22.36 -14.39 21.16
N HIS B 99 22.76 -13.31 21.81
CA HIS B 99 22.53 -11.95 21.32
C HIS B 99 23.80 -11.40 20.68
N VAL B 100 23.61 -10.56 19.68
CA VAL B 100 24.71 -9.86 19.03
C VAL B 100 24.93 -8.53 19.75
N VAL B 101 26.11 -8.37 20.33
CA VAL B 101 26.51 -7.13 20.97
C VAL B 101 27.44 -6.36 20.04
N PHE B 102 27.04 -5.14 19.70
CA PHE B 102 27.85 -4.23 18.90
C PHE B 102 28.54 -3.22 19.79
N GLY B 103 29.71 -2.77 19.35
CA GLY B 103 30.37 -1.68 20.04
C GLY B 103 29.77 -0.32 19.68
N GLY B 104 30.04 0.66 20.53
CA GLY B 104 29.52 2.00 20.33
C GLY B 104 30.03 2.68 19.06
N GLY B 105 31.19 2.26 18.58
CA GLY B 105 31.75 2.85 17.38
C GLY B 105 32.78 3.92 17.68
N THR B 106 33.71 4.09 16.74
CA THR B 106 34.79 5.06 16.88
C THR B 106 34.95 5.83 15.58
N LYS B 107 34.91 7.15 15.66
CA LYS B 107 35.15 8.00 14.50
C LYS B 107 36.65 8.24 14.37
N LEU B 108 37.23 7.77 13.26
CA LEU B 108 38.66 7.91 13.00
C LEU B 108 38.84 8.96 11.91
N THR B 109 39.55 10.04 12.26
CA THR B 109 39.84 11.13 11.34
C THR B 109 41.32 11.12 10.99
N VAL B 110 41.60 11.18 9.69
CA VAL B 110 42.97 11.25 9.19
C VAL B 110 43.22 12.69 8.74
N LEU B 111 44.11 13.38 9.46
CA LEU B 111 44.39 14.79 9.21
C LEU B 111 45.43 14.90 8.11
N GLY B 112 44.97 15.00 6.86
CA GLY B 112 45.87 15.06 5.73
C GLY B 112 45.81 16.35 4.94
N GLN B 113 45.48 17.46 5.60
CA GLN B 113 45.45 18.76 4.96
C GLN B 113 45.88 19.81 5.97
N PRO B 114 46.45 20.92 5.50
CA PRO B 114 46.76 22.03 6.43
C PRO B 114 45.50 22.63 7.01
N LYS B 115 45.67 23.31 8.14
CA LYS B 115 44.56 23.97 8.81
C LYS B 115 43.96 25.04 7.91
N ALA B 116 42.63 25.17 7.95
CA ALA B 116 41.91 26.13 7.12
C ALA B 116 40.85 26.83 7.96
N ALA B 117 40.92 28.16 8.00
CA ALA B 117 39.94 28.92 8.75
C ALA B 117 38.58 28.87 8.05
N PRO B 118 37.49 28.91 8.81
CA PRO B 118 36.16 28.81 8.19
C PRO B 118 35.76 30.13 7.53
N SER B 119 35.20 29.99 6.33
CA SER B 119 34.55 31.11 5.65
C SER B 119 33.10 31.16 6.12
N VAL B 120 32.65 32.35 6.55
CA VAL B 120 31.37 32.52 7.21
C VAL B 120 30.54 33.54 6.44
N THR B 121 29.28 33.21 6.19
CA THR B 121 28.31 34.11 5.59
C THR B 121 27.05 34.12 6.43
N LEU B 122 26.56 35.32 6.76
CA LEU B 122 25.39 35.49 7.61
C LEU B 122 24.30 36.19 6.81
N PHE B 123 23.08 35.68 6.90
CA PHE B 123 21.95 36.21 6.15
C PHE B 123 20.84 36.64 7.10
N PRO B 124 20.29 37.84 6.96
CA PRO B 124 19.15 38.25 7.78
C PRO B 124 17.87 37.64 7.26
N PRO B 125 16.78 37.71 8.02
CA PRO B 125 15.49 37.20 7.52
C PRO B 125 15.06 37.96 6.28
N SER B 126 14.38 37.25 5.38
CA SER B 126 13.88 37.87 4.17
C SER B 126 12.55 38.57 4.44
N SER B 127 12.23 39.56 3.59
CA SER B 127 10.95 40.23 3.69
C SER B 127 9.79 39.26 3.51
N GLU B 128 9.97 38.24 2.68
CA GLU B 128 8.92 37.26 2.45
C GLU B 128 8.69 36.38 3.67
N GLU B 129 9.73 36.11 4.45
CA GLU B 129 9.55 35.34 5.69
C GLU B 129 8.89 36.19 6.76
N LEU B 130 9.34 37.44 6.93
CA LEU B 130 8.73 38.32 7.92
C LEU B 130 7.27 38.61 7.59
N GLN B 131 6.93 38.61 6.29
CA GLN B 131 5.53 38.76 5.91
C GLN B 131 4.71 37.56 6.37
N ALA B 132 5.34 36.38 6.46
CA ALA B 132 4.70 35.19 6.98
C ALA B 132 4.81 35.07 8.50
N ASN B 133 5.15 36.17 9.18
CA ASN B 133 5.24 36.21 10.65
C ASN B 133 6.30 35.24 11.18
N LYS B 134 7.45 35.21 10.52
CA LYS B 134 8.59 34.40 10.96
C LYS B 134 9.87 35.16 10.72
N ALA B 135 10.96 34.68 11.31
CA ALA B 135 12.26 35.33 11.16
C ALA B 135 13.34 34.30 11.46
N THR B 136 14.12 33.93 10.46
CA THR B 136 15.20 32.95 10.61
C THR B 136 16.51 33.56 10.14
N LEU B 137 17.52 33.52 11.02
CA LEU B 137 18.86 33.94 10.68
C LEU B 137 19.67 32.72 10.23
N VAL B 138 20.30 32.84 9.06
CA VAL B 138 21.02 31.72 8.45
C VAL B 138 22.51 32.06 8.44
N CYS B 139 23.29 31.26 9.15
CA CYS B 139 24.74 31.38 9.18
C CYS B 139 25.36 30.17 8.51
N LEU B 140 26.24 30.41 7.54
CA LEU B 140 26.77 29.36 6.68
C LEU B 140 28.29 29.30 6.83
N ILE B 141 28.81 28.12 7.17
CA ILE B 141 30.21 27.91 7.50
C ILE B 141 30.78 26.93 6.49
N SER B 142 31.95 27.24 5.93
CA SER B 142 32.49 26.44 4.86
C SER B 142 34.01 26.53 4.81
N ASP B 143 34.62 25.50 4.25
CA ASP B 143 36.02 25.48 3.86
C ASP B 143 36.97 25.53 5.06
N PHE B 144 36.59 24.85 6.14
CA PHE B 144 37.44 24.76 7.33
C PHE B 144 37.94 23.34 7.51
N TYR B 145 39.16 23.23 8.04
CA TYR B 145 39.82 21.94 8.26
C TYR B 145 40.74 22.09 9.46
N PRO B 146 40.69 21.17 10.43
CA PRO B 146 39.76 20.04 10.50
C PRO B 146 38.33 20.46 10.82
N GLY B 147 37.40 19.51 10.83
CA GLY B 147 35.98 19.82 10.92
C GLY B 147 35.42 19.99 12.31
N ALA B 148 36.17 20.61 13.21
CA ALA B 148 35.70 20.91 14.56
C ALA B 148 35.54 22.42 14.71
N VAL B 149 34.29 22.87 14.78
CA VAL B 149 33.96 24.27 15.01
C VAL B 149 32.91 24.34 16.11
N THR B 150 32.88 25.47 16.81
CA THR B 150 31.81 25.77 17.76
C THR B 150 31.18 27.10 17.36
N VAL B 151 29.86 27.19 17.49
CA VAL B 151 29.09 28.29 16.96
C VAL B 151 28.40 29.03 18.10
N ALA B 152 28.53 30.36 18.10
CA ALA B 152 27.91 31.20 19.11
C ALA B 152 27.13 32.32 18.44
N TRP B 153 25.93 32.58 18.95
CA TRP B 153 25.11 33.68 18.47
C TRP B 153 25.00 34.75 19.55
N LYS B 154 24.75 35.98 19.11
CA LYS B 154 24.80 37.14 20.00
C LYS B 154 23.86 38.19 19.45
N ALA B 155 22.89 38.63 20.27
CA ALA B 155 21.97 39.70 19.93
C ALA B 155 22.33 40.94 20.73
N ASP B 156 22.73 42.01 20.03
CA ASP B 156 23.29 43.20 20.65
C ASP B 156 24.42 42.82 21.60
N SER B 157 25.34 42.01 21.10
CA SER B 157 26.55 41.53 21.77
C SER B 157 26.28 40.64 22.96
N SER B 158 25.01 40.31 23.26
CA SER B 158 24.70 39.37 24.34
C SER B 158 24.46 37.99 23.76
N PRO B 159 25.13 36.96 24.28
CA PRO B 159 25.03 35.62 23.67
C PRO B 159 23.59 35.10 23.64
N VAL B 160 23.16 34.71 22.44
CA VAL B 160 21.85 34.12 22.25
C VAL B 160 21.82 32.75 22.91
N LYS B 161 20.77 32.48 23.66
CA LYS B 161 20.70 31.33 24.54
C LYS B 161 19.63 30.34 24.11
N ALA B 162 18.77 30.71 23.17
CA ALA B 162 17.68 29.85 22.73
C ALA B 162 17.45 29.99 21.23
N GLY B 163 16.82 28.98 20.63
CA GLY B 163 16.42 29.06 19.24
C GLY B 163 17.52 28.85 18.23
N VAL B 164 18.66 28.30 18.63
CA VAL B 164 19.78 28.04 17.73
C VAL B 164 19.72 26.58 17.28
N GLU B 165 19.91 26.35 15.99
CA GLU B 165 20.03 25.01 15.42
C GLU B 165 21.30 24.97 14.58
N THR B 166 22.19 24.02 14.90
CA THR B 166 23.49 23.90 14.23
C THR B 166 23.69 22.48 13.75
N THR B 167 24.15 22.33 12.51
CA THR B 167 24.43 21.01 11.97
C THR B 167 25.79 20.51 12.41
N THR B 168 25.90 19.21 12.57
CA THR B 168 27.21 18.59 12.75
C THR B 168 28.01 18.76 11.46
N PRO B 169 29.27 19.20 11.53
CA PRO B 169 30.03 19.47 10.31
C PRO B 169 30.13 18.23 9.44
N SER B 170 30.07 18.45 8.12
CA SER B 170 30.19 17.38 7.15
C SER B 170 31.21 17.76 6.09
N LYS B 171 31.88 16.75 5.55
CA LYS B 171 32.95 16.97 4.60
C LYS B 171 32.38 17.31 3.23
N GLN B 172 32.88 18.39 2.62
CA GLN B 172 32.39 18.83 1.32
C GLN B 172 32.96 17.95 0.22
N SER B 173 32.85 18.42 -1.02
CA SER B 173 33.39 17.70 -2.17
C SER B 173 34.89 17.94 -2.37
N ASN B 174 35.47 18.94 -1.69
CA ASN B 174 36.89 19.23 -1.78
C ASN B 174 37.64 18.83 -0.53
N ASN B 175 37.06 17.95 0.29
CA ASN B 175 37.60 17.44 1.55
C ASN B 175 37.62 18.48 2.65
N LYS B 176 37.15 19.71 2.39
CA LYS B 176 36.92 20.64 3.48
C LYS B 176 35.64 20.25 4.21
N TYR B 177 35.38 20.95 5.32
CA TYR B 177 34.16 20.73 6.08
C TYR B 177 33.24 21.94 5.98
N ALA B 178 31.94 21.69 6.15
CA ALA B 178 30.92 22.73 6.05
C ALA B 178 29.85 22.49 7.10
N ALA B 179 29.30 23.59 7.63
CA ALA B 179 28.26 23.49 8.63
C ALA B 179 27.31 24.67 8.46
N SER B 180 26.12 24.53 9.06
CA SER B 180 25.11 25.57 9.05
C SER B 180 24.64 25.81 10.48
N SER B 181 24.24 27.05 10.75
CA SER B 181 23.66 27.40 12.04
C SER B 181 22.48 28.34 11.80
N TYR B 182 21.36 28.06 12.46
CA TYR B 182 20.13 28.81 12.28
C TYR B 182 19.69 29.42 13.60
N LEU B 183 19.28 30.68 13.56
CA LEU B 183 18.70 31.37 14.71
C LEU B 183 17.28 31.77 14.36
N SER B 184 16.31 31.04 14.91
CA SER B 184 14.90 31.29 14.65
C SER B 184 14.39 32.33 15.63
N LEU B 185 13.67 33.32 15.11
CA LEU B 185 13.16 34.41 15.91
C LEU B 185 11.76 34.78 15.44
N THR B 186 11.15 35.62 16.20
CA THR B 186 9.88 36.23 15.84
C THR B 186 10.17 37.52 15.11
N PRO B 187 9.24 38.03 14.30
CA PRO B 187 9.42 39.38 13.75
C PRO B 187 9.65 40.35 14.90
N GLU B 188 8.95 40.13 16.00
CA GLU B 188 9.02 40.96 17.19
C GLU B 188 10.44 40.97 17.68
N GLN B 189 11.00 39.79 17.88
CA GLN B 189 12.32 39.68 18.49
C GLN B 189 13.40 40.19 17.56
N TRP B 190 13.28 39.87 16.26
CA TRP B 190 14.19 40.39 15.23
C TRP B 190 14.27 41.93 15.23
N LYS B 191 13.14 42.62 15.28
CA LYS B 191 13.19 44.08 15.17
C LYS B 191 13.55 44.75 16.48
N SER B 192 13.67 44.01 17.57
CA SER B 192 13.96 44.59 18.88
C SER B 192 15.45 44.71 19.16
N HIS B 193 16.31 44.10 18.36
CA HIS B 193 17.75 44.19 18.53
C HIS B 193 18.36 44.98 17.38
N ARG B 194 19.53 45.57 17.64
CA ARG B 194 20.23 46.38 16.67
C ARG B 194 21.33 45.64 15.93
N SER B 195 21.75 44.47 16.41
CA SER B 195 22.80 43.73 15.74
C SER B 195 22.74 42.27 16.17
N TYR B 196 23.02 41.38 15.22
CA TYR B 196 23.15 39.95 15.47
C TYR B 196 24.47 39.48 14.90
N SER B 197 25.09 38.49 15.56
CA SER B 197 26.41 38.04 15.17
C SER B 197 26.49 36.52 15.27
N CYS B 198 26.98 35.90 14.21
CA CYS B 198 27.30 34.48 14.20
C CYS B 198 28.81 34.34 14.37
N GLN B 199 29.24 33.80 15.51
CA GLN B 199 30.66 33.67 15.85
C GLN B 199 31.07 32.21 15.73
N VAL B 200 31.98 31.94 14.81
CA VAL B 200 32.49 30.60 14.57
C VAL B 200 33.91 30.53 15.09
N THR B 201 34.15 29.70 16.09
CA THR B 201 35.49 29.48 16.63
C THR B 201 36.06 28.18 16.08
N HIS B 202 37.25 28.26 15.49
CA HIS B 202 37.90 27.12 14.85
C HIS B 202 39.36 27.12 15.27
N GLU B 203 39.77 26.12 16.06
CA GLU B 203 41.17 26.00 16.56
C GLU B 203 41.57 27.26 17.34
N GLY B 204 40.70 27.78 18.22
CA GLY B 204 41.14 28.95 18.97
C GLY B 204 41.13 30.27 18.22
N SER B 205 40.70 30.27 16.96
CA SER B 205 40.55 31.50 16.18
C SER B 205 39.09 31.67 15.77
N THR B 206 38.57 32.87 15.94
CA THR B 206 37.15 33.15 15.73
C THR B 206 36.94 33.95 14.45
N VAL B 207 35.98 33.49 13.64
CA VAL B 207 35.50 34.22 12.48
C VAL B 207 34.04 34.57 12.75
N GLU B 208 33.69 35.85 12.57
CA GLU B 208 32.34 36.30 12.89
C GLU B 208 31.84 37.28 11.84
N LYS B 209 30.53 37.27 11.63
CA LYS B 209 29.83 38.21 10.77
C LYS B 209 28.67 38.81 11.53
N THR B 210 28.32 40.05 11.18
CA THR B 210 27.29 40.79 11.88
C THR B 210 26.25 41.28 10.89
N VAL B 211 24.98 41.16 11.27
CA VAL B 211 23.87 41.72 10.52
C VAL B 211 23.12 42.69 11.43
N ALA B 212 22.36 43.58 10.80
CA ALA B 212 21.61 44.59 11.53
C ALA B 212 20.28 44.81 10.82
N PRO B 213 19.16 44.81 11.55
CA PRO B 213 17.87 45.12 10.93
C PRO B 213 17.87 46.50 10.30
N THR B 214 17.30 46.59 9.10
CA THR B 214 17.22 47.85 8.37
C THR B 214 15.79 48.34 8.30
N GLU C 1 -8.48 3.00 14.79
CA GLU C 1 -9.41 2.83 13.69
C GLU C 1 -8.86 3.45 12.40
N VAL C 2 -9.27 2.91 11.25
CA VAL C 2 -8.79 3.34 9.93
C VAL C 2 -10.00 3.47 9.01
N GLN C 3 -10.36 4.69 8.62
CA GLN C 3 -11.31 4.93 7.52
C GLN C 3 -10.60 4.85 6.16
N LEU C 4 -11.37 4.45 5.15
CA LEU C 4 -11.07 4.71 3.74
C LEU C 4 -12.40 5.13 3.11
N VAL C 5 -12.57 6.43 2.88
CA VAL C 5 -13.85 6.98 2.43
C VAL C 5 -13.72 7.39 0.96
N GLU C 6 -14.46 6.73 0.09
CA GLU C 6 -14.47 7.03 -1.34
C GLU C 6 -15.49 8.14 -1.64
N SER C 7 -15.25 8.82 -2.75
CA SER C 7 -16.13 9.89 -3.22
C SER C 7 -16.03 9.98 -4.74
N GLY C 8 -16.98 10.69 -5.33
CA GLY C 8 -16.97 11.01 -6.73
C GLY C 8 -17.91 10.19 -7.60
N GLY C 9 -18.34 9.02 -7.13
CA GLY C 9 -19.13 8.12 -7.94
C GLY C 9 -20.48 8.65 -8.39
N GLY C 10 -21.25 7.83 -9.11
CA GLY C 10 -22.54 8.26 -9.61
C GLY C 10 -22.79 7.80 -11.03
N LEU C 11 -23.60 8.55 -11.77
CA LEU C 11 -23.99 8.19 -13.13
C LEU C 11 -23.14 8.97 -14.12
N VAL C 12 -22.65 8.29 -15.15
CA VAL C 12 -21.85 8.88 -16.22
C VAL C 12 -22.20 8.15 -17.51
N GLN C 13 -22.08 8.83 -18.61
CA GLN C 13 -22.46 8.23 -19.88
C GLN C 13 -21.25 7.62 -20.57
N PRO C 14 -21.48 6.62 -21.43
CA PRO C 14 -20.39 6.03 -22.20
C PRO C 14 -19.56 7.08 -22.93
N GLY C 15 -18.26 6.81 -23.03
CA GLY C 15 -17.31 7.78 -23.54
C GLY C 15 -16.99 8.91 -22.59
N GLY C 16 -17.71 9.03 -21.49
CA GLY C 16 -17.52 10.11 -20.55
C GLY C 16 -16.34 9.86 -19.62
N SER C 17 -16.23 10.72 -18.62
CA SER C 17 -15.13 10.69 -17.66
C SER C 17 -15.69 10.81 -16.25
N LEU C 18 -14.88 10.42 -15.28
CA LEU C 18 -15.25 10.56 -13.88
C LEU C 18 -13.95 10.56 -13.08
N ARG C 19 -14.00 11.15 -11.90
CA ARG C 19 -12.85 11.12 -10.99
C ARG C 19 -13.30 10.64 -9.63
N LEU C 20 -12.67 9.56 -9.17
CA LEU C 20 -12.90 9.04 -7.82
C LEU C 20 -11.78 9.50 -6.89
N SER C 21 -12.13 9.67 -5.62
CA SER C 21 -11.16 10.07 -4.61
C SER C 21 -11.38 9.25 -3.35
N CYS C 22 -10.28 8.95 -2.66
CA CYS C 22 -10.30 8.23 -1.40
C CYS C 22 -9.65 9.08 -0.33
N ALA C 23 -10.35 9.26 0.80
CA ALA C 23 -9.84 10.04 1.92
C ALA C 23 -9.41 9.07 3.02
N ALA C 24 -8.11 8.96 3.24
CA ALA C 24 -7.54 8.03 4.22
C ALA C 24 -7.23 8.75 5.52
N SER C 25 -7.28 7.99 6.61
CA SER C 25 -6.98 8.51 7.94
C SER C 25 -6.72 7.33 8.86
N GLY C 26 -6.14 7.63 10.03
CA GLY C 26 -5.80 6.61 10.99
C GLY C 26 -4.51 5.88 10.73
N PHE C 27 -3.69 6.36 9.80
CA PHE C 27 -2.40 5.75 9.47
C PHE C 27 -1.67 6.70 8.54
N THR C 28 -0.35 6.55 8.48
CA THR C 28 0.47 7.34 7.56
C THR C 28 0.22 6.87 6.14
N PHE C 29 -0.41 7.72 5.33
CA PHE C 29 -0.83 7.35 3.98
C PHE C 29 0.35 7.07 3.08
N SER C 30 1.51 7.67 3.36
CA SER C 30 2.63 7.64 2.43
C SER C 30 3.43 6.35 2.46
N SER C 31 3.26 5.51 3.47
CA SER C 31 4.08 4.32 3.64
C SER C 31 3.33 3.03 3.31
N TYR C 32 2.36 3.08 2.40
CA TYR C 32 1.55 1.91 2.09
C TYR C 32 1.18 1.89 0.61
N TRP C 33 1.21 0.70 0.03
CA TRP C 33 0.64 0.50 -1.30
C TRP C 33 -0.88 0.69 -1.23
N MET C 34 -1.44 1.33 -2.26
CA MET C 34 -2.87 1.55 -2.34
C MET C 34 -3.44 0.88 -3.57
N ASN C 35 -4.75 0.63 -3.55
CA ASN C 35 -5.39 -0.18 -4.57
C ASN C 35 -6.81 0.32 -4.83
N TRP C 36 -7.23 0.15 -6.08
CA TRP C 36 -8.64 0.24 -6.46
C TRP C 36 -9.10 -1.13 -6.90
N VAL C 37 -10.24 -1.58 -6.37
CA VAL C 37 -10.84 -2.85 -6.75
C VAL C 37 -12.34 -2.63 -6.89
N ARG C 38 -12.92 -3.11 -7.99
CA ARG C 38 -14.33 -2.89 -8.27
C ARG C 38 -15.10 -4.22 -8.24
N GLN C 39 -16.42 -4.10 -8.12
CA GLN C 39 -17.31 -5.26 -8.04
C GLN C 39 -18.62 -4.92 -8.77
N ALA C 40 -18.76 -5.46 -9.98
CA ALA C 40 -20.01 -5.31 -10.72
C ALA C 40 -21.18 -5.83 -9.89
N PRO C 41 -22.38 -5.25 -10.06
CA PRO C 41 -23.48 -5.60 -9.15
C PRO C 41 -23.91 -7.05 -9.30
N GLY C 42 -23.62 -7.84 -8.27
CA GLY C 42 -23.88 -9.26 -8.29
C GLY C 42 -22.71 -10.13 -8.70
N LYS C 43 -21.67 -9.54 -9.28
CA LYS C 43 -20.51 -10.30 -9.72
C LYS C 43 -19.47 -10.33 -8.61
N GLY C 44 -18.22 -10.68 -8.94
CA GLY C 44 -17.16 -10.80 -7.97
C GLY C 44 -16.20 -9.64 -7.99
N LEU C 45 -15.14 -9.76 -7.19
CA LEU C 45 -14.13 -8.73 -7.09
C LEU C 45 -13.18 -8.79 -8.29
N GLU C 46 -12.92 -7.64 -8.89
CA GLU C 46 -11.93 -7.54 -9.96
C GLU C 46 -10.98 -6.41 -9.61
N TRP C 47 -9.70 -6.75 -9.44
CA TRP C 47 -8.67 -5.74 -9.21
C TRP C 47 -8.67 -4.73 -10.36
N VAL C 48 -8.35 -3.48 -10.02
CA VAL C 48 -8.34 -2.41 -11.02
C VAL C 48 -6.93 -1.86 -11.16
N ALA C 49 -6.36 -1.34 -10.08
CA ALA C 49 -5.06 -0.69 -10.15
C ALA C 49 -4.44 -0.61 -8.77
N ASN C 50 -3.11 -0.51 -8.75
CA ASN C 50 -2.36 -0.27 -7.52
C ASN C 50 -1.29 0.77 -7.79
N ILE C 51 -0.80 1.38 -6.70
CA ILE C 51 0.20 2.43 -6.78
C ILE C 51 1.21 2.26 -5.65
N LYS C 52 2.48 2.55 -5.95
CA LYS C 52 3.54 2.45 -4.97
C LYS C 52 3.36 3.52 -3.88
N GLN C 53 4.14 3.38 -2.81
CA GLN C 53 4.07 4.31 -1.69
C GLN C 53 4.36 5.75 -2.12
N ASP C 54 5.18 5.92 -3.16
CA ASP C 54 5.58 7.25 -3.62
C ASP C 54 5.03 7.58 -5.00
N GLY C 55 4.18 6.72 -5.56
CA GLY C 55 3.64 6.94 -6.89
C GLY C 55 4.57 6.58 -8.03
N SER C 56 5.76 6.08 -7.76
CA SER C 56 6.73 5.77 -8.81
C SER C 56 6.42 4.49 -9.56
N GLU C 57 5.47 3.68 -9.06
CA GLU C 57 5.09 2.45 -9.74
C GLU C 57 3.57 2.33 -9.72
N LYS C 58 2.97 2.13 -10.90
CA LYS C 58 1.55 1.91 -11.05
C LYS C 58 1.32 0.70 -11.94
N TYR C 59 0.23 -0.03 -11.67
CA TYR C 59 -0.15 -1.17 -12.50
C TYR C 59 -1.66 -1.21 -12.60
N TYR C 60 -2.16 -1.66 -13.75
CA TYR C 60 -3.58 -1.70 -14.03
C TYR C 60 -3.93 -3.03 -14.68
N VAL C 61 -5.23 -3.35 -14.69
CA VAL C 61 -5.70 -4.44 -15.54
C VAL C 61 -5.62 -4.02 -17.00
N ASP C 62 -5.51 -5.02 -17.88
CA ASP C 62 -5.48 -4.73 -19.31
C ASP C 62 -6.76 -4.05 -19.78
N SER C 63 -7.85 -4.18 -19.02
CA SER C 63 -9.12 -3.57 -19.41
C SER C 63 -9.08 -2.06 -19.36
N VAL C 64 -8.27 -1.49 -18.46
CA VAL C 64 -8.27 -0.04 -18.23
C VAL C 64 -6.96 0.62 -18.57
N LYS C 65 -5.98 -0.13 -19.10
CA LYS C 65 -4.70 0.46 -19.46
C LYS C 65 -4.88 1.52 -20.53
N GLY C 66 -4.17 2.64 -20.37
CA GLY C 66 -4.25 3.74 -21.31
C GLY C 66 -5.51 4.57 -21.23
N ARG C 67 -6.42 4.25 -20.31
CA ARG C 67 -7.63 5.06 -20.12
C ARG C 67 -7.98 5.30 -18.67
N PHE C 68 -7.33 4.63 -17.72
CA PHE C 68 -7.49 4.92 -16.30
C PHE C 68 -6.16 5.44 -15.76
N THR C 69 -6.22 6.15 -14.63
CA THR C 69 -5.01 6.64 -13.99
C THR C 69 -5.22 6.62 -12.49
N ILE C 70 -4.42 5.83 -11.79
CA ILE C 70 -4.36 5.86 -10.33
C ILE C 70 -3.32 6.90 -9.94
N SER C 71 -3.61 7.65 -8.88
CA SER C 71 -2.67 8.64 -8.39
C SER C 71 -2.90 8.84 -6.90
N ARG C 72 -1.92 9.46 -6.25
CA ARG C 72 -1.98 9.70 -4.81
C ARG C 72 -1.33 11.04 -4.51
N ASP C 73 -1.91 11.75 -3.55
CA ASP C 73 -1.33 12.96 -2.98
C ASP C 73 -1.02 12.65 -1.52
N ASN C 74 0.25 12.36 -1.22
CA ASN C 74 0.61 11.97 0.13
C ASN C 74 0.50 13.14 1.10
N ALA C 75 0.64 14.37 0.62
CA ALA C 75 0.54 15.52 1.50
C ALA C 75 -0.88 15.76 1.97
N LYS C 76 -1.88 15.34 1.18
CA LYS C 76 -3.28 15.55 1.52
C LYS C 76 -4.01 14.26 1.85
N ASN C 77 -3.28 13.13 1.95
CA ASN C 77 -3.85 11.83 2.33
C ASN C 77 -4.96 11.41 1.38
N SER C 78 -4.67 11.46 0.09
CA SER C 78 -5.72 11.25 -0.91
C SER C 78 -5.22 10.32 -2.01
N LEU C 79 -6.06 9.34 -2.37
CA LEU C 79 -5.83 8.46 -3.50
C LEU C 79 -6.90 8.74 -4.56
N PHE C 80 -6.50 8.73 -5.82
CA PHE C 80 -7.39 9.10 -6.91
C PHE C 80 -7.43 8.01 -7.97
N LEU C 81 -8.54 7.99 -8.71
CA LEU C 81 -8.68 7.17 -9.91
C LEU C 81 -9.33 8.03 -10.98
N GLN C 82 -8.56 8.39 -12.00
CA GLN C 82 -9.07 9.14 -13.14
C GLN C 82 -9.62 8.15 -14.16
N MET C 83 -10.91 8.24 -14.44
CA MET C 83 -11.61 7.28 -15.27
C MET C 83 -12.04 7.96 -16.57
N ASN C 84 -11.58 7.42 -17.70
CA ASN C 84 -11.88 7.99 -19.01
C ASN C 84 -12.36 6.91 -19.97
N SER C 85 -13.03 7.35 -21.03
CA SER C 85 -13.58 6.45 -22.06
C SER C 85 -14.39 5.32 -21.43
N LEU C 86 -15.35 5.69 -20.59
CA LEU C 86 -16.02 4.70 -19.77
C LEU C 86 -16.93 3.85 -20.65
N ARG C 87 -16.75 2.53 -20.59
CA ARG C 87 -17.58 1.60 -21.34
C ARG C 87 -18.55 0.91 -20.38
N ALA C 88 -19.58 0.27 -20.95
CA ALA C 88 -20.72 -0.20 -20.16
C ALA C 88 -20.29 -1.13 -19.03
N GLU C 89 -19.36 -2.03 -19.32
CA GLU C 89 -18.91 -3.01 -18.34
C GLU C 89 -17.96 -2.44 -17.29
N ASP C 90 -17.89 -1.11 -17.17
CA ASP C 90 -17.21 -0.47 -16.06
C ASP C 90 -18.13 -0.21 -14.88
N THR C 91 -19.43 -0.45 -15.04
CA THR C 91 -20.40 -0.25 -13.96
C THR C 91 -20.11 -1.18 -12.80
N ALA C 92 -19.68 -0.63 -11.67
CA ALA C 92 -19.30 -1.43 -10.52
C ALA C 92 -19.20 -0.53 -9.29
N VAL C 93 -19.07 -1.16 -8.13
CA VAL C 93 -18.78 -0.46 -6.88
C VAL C 93 -17.26 -0.47 -6.70
N TYR C 94 -16.65 0.71 -6.70
CA TYR C 94 -15.19 0.81 -6.66
C TYR C 94 -14.73 0.97 -5.22
N TYR C 95 -13.85 0.07 -4.78
CA TYR C 95 -13.38 0.01 -3.41
C TYR C 95 -11.98 0.59 -3.30
N CYS C 96 -11.78 1.45 -2.29
CA CYS C 96 -10.45 1.92 -1.92
C CYS C 96 -9.87 0.94 -0.90
N ALA C 97 -8.62 0.53 -1.10
CA ALA C 97 -8.06 -0.54 -0.29
C ALA C 97 -6.56 -0.32 -0.05
N ARG C 98 -6.13 -0.56 1.18
CA ARG C 98 -4.73 -0.52 1.56
C ARG C 98 -4.16 -1.93 1.64
N VAL C 99 -2.86 -2.05 1.39
CA VAL C 99 -2.17 -3.33 1.44
C VAL C 99 -1.16 -3.30 2.59
N TRP C 100 -0.99 -4.46 3.22
CA TRP C 100 -0.01 -4.60 4.29
C TRP C 100 1.39 -4.23 3.82
N TRP C 101 1.84 -4.86 2.74
CA TRP C 101 3.17 -4.61 2.20
C TRP C 101 3.15 -4.95 0.71
N LEU C 102 4.33 -5.15 0.13
CA LEU C 102 4.45 -5.34 -1.31
C LEU C 102 3.59 -6.50 -1.80
N ARG C 103 3.62 -7.63 -1.09
CA ARG C 103 2.89 -8.83 -1.47
C ARG C 103 2.07 -9.34 -0.29
N GLY C 104 1.37 -8.42 0.38
CA GLY C 104 0.57 -8.75 1.54
C GLY C 104 -0.91 -8.74 1.25
N SER C 105 -1.70 -8.70 2.32
CA SER C 105 -3.14 -8.74 2.23
C SER C 105 -3.72 -7.34 2.09
N PHE C 106 -4.98 -7.30 1.67
CA PHE C 106 -5.75 -6.05 1.63
C PHE C 106 -6.42 -5.94 3.00
N ASP C 107 -5.67 -5.37 3.96
CA ASP C 107 -6.08 -5.43 5.36
C ASP C 107 -7.16 -4.41 5.72
N TYR C 108 -7.39 -3.40 4.89
CA TYR C 108 -8.40 -2.39 5.18
C TYR C 108 -9.07 -1.97 3.89
N TRP C 109 -10.40 -1.97 3.88
CA TRP C 109 -11.19 -1.67 2.70
C TRP C 109 -12.09 -0.47 2.96
N GLY C 110 -12.41 0.25 1.90
CA GLY C 110 -13.40 1.29 1.99
C GLY C 110 -14.80 0.73 1.88
N GLN C 111 -15.78 1.61 2.10
CA GLN C 111 -17.17 1.25 1.91
C GLN C 111 -17.56 1.15 0.44
N GLY C 112 -16.73 1.68 -0.46
CA GLY C 112 -17.02 1.62 -1.88
C GLY C 112 -18.01 2.66 -2.34
N THR C 113 -17.85 3.14 -3.57
CA THR C 113 -18.80 4.05 -4.19
C THR C 113 -19.28 3.46 -5.50
N LEU C 114 -20.56 3.65 -5.81
CA LEU C 114 -21.17 3.03 -6.97
C LEU C 114 -20.97 3.92 -8.20
N VAL C 115 -20.55 3.31 -9.30
CA VAL C 115 -20.40 3.98 -10.58
C VAL C 115 -21.30 3.29 -11.59
N THR C 116 -22.14 4.07 -12.27
CA THR C 116 -23.09 3.55 -13.25
C THR C 116 -22.82 4.24 -14.59
N VAL C 117 -22.41 3.47 -15.58
CA VAL C 117 -22.16 3.98 -16.93
C VAL C 117 -23.37 3.64 -17.78
N SER C 118 -24.12 4.65 -18.18
CA SER C 118 -25.29 4.46 -19.04
C SER C 118 -25.60 5.76 -19.76
N SER C 119 -25.78 5.67 -21.07
CA SER C 119 -26.15 6.81 -21.90
C SER C 119 -27.64 7.08 -21.89
N ALA C 120 -28.40 6.34 -21.08
CA ALA C 120 -29.85 6.44 -21.08
C ALA C 120 -30.30 7.63 -20.25
N SER C 121 -31.43 8.19 -20.65
CA SER C 121 -32.12 9.25 -19.93
C SER C 121 -33.50 8.75 -19.54
N THR C 122 -34.08 9.39 -18.51
CA THR C 122 -35.24 8.84 -17.79
C THR C 122 -36.36 8.41 -18.73
N LYS C 123 -36.71 7.13 -18.66
CA LYS C 123 -37.70 6.53 -19.55
C LYS C 123 -38.52 5.50 -18.79
N GLY C 124 -39.83 5.50 -19.03
CA GLY C 124 -40.73 4.58 -18.39
C GLY C 124 -40.58 3.16 -18.91
N PRO C 125 -41.01 2.19 -18.11
CA PRO C 125 -40.85 0.78 -18.50
C PRO C 125 -41.95 0.31 -19.43
N SER C 126 -41.72 -0.88 -19.99
CA SER C 126 -42.70 -1.60 -20.78
C SER C 126 -42.97 -2.94 -20.10
N VAL C 127 -44.25 -3.22 -19.83
CA VAL C 127 -44.65 -4.31 -18.97
C VAL C 127 -45.32 -5.38 -19.81
N PHE C 128 -44.74 -6.57 -19.81
CA PHE C 128 -45.13 -7.62 -20.72
C PHE C 128 -45.58 -8.84 -19.92
N PRO C 129 -46.47 -9.68 -20.47
CA PRO C 129 -46.97 -10.82 -19.70
C PRO C 129 -46.10 -12.07 -19.84
N LEU C 130 -45.93 -12.75 -18.73
CA LEU C 130 -45.32 -14.07 -18.68
C LEU C 130 -46.45 -15.03 -18.34
N ALA C 131 -47.10 -15.55 -19.38
CA ALA C 131 -48.31 -16.37 -19.31
C ALA C 131 -47.96 -17.85 -19.16
N PRO C 132 -48.65 -18.55 -18.27
CA PRO C 132 -48.40 -20.00 -18.07
C PRO C 132 -49.02 -20.80 -19.21
N SER C 133 -48.19 -21.51 -19.96
CA SER C 133 -48.72 -22.42 -20.96
C SER C 133 -49.34 -23.64 -20.28
N SER C 134 -50.19 -24.34 -21.04
CA SER C 134 -50.84 -25.55 -20.57
C SER C 134 -49.86 -26.69 -20.28
N LYS C 135 -48.65 -26.64 -20.83
CA LYS C 135 -47.67 -27.68 -20.54
C LYS C 135 -47.12 -27.56 -19.13
N SER C 136 -46.75 -26.34 -18.73
CA SER C 136 -46.24 -26.09 -17.39
C SER C 136 -47.35 -26.03 -16.34
N THR C 137 -48.60 -26.24 -16.73
CA THR C 137 -49.76 -26.06 -15.87
C THR C 137 -50.28 -27.37 -15.27
N SER C 138 -50.21 -28.47 -16.02
CA SER C 138 -50.83 -29.72 -15.60
C SER C 138 -50.25 -30.27 -14.30
N GLY C 139 -49.13 -29.74 -13.81
CA GLY C 139 -48.53 -30.27 -12.60
C GLY C 139 -49.26 -29.90 -11.32
N GLY C 140 -50.10 -28.88 -11.36
CA GLY C 140 -50.81 -28.40 -10.19
C GLY C 140 -50.39 -27.04 -9.70
N THR C 141 -49.26 -26.51 -10.18
CA THR C 141 -48.79 -25.19 -9.83
C THR C 141 -48.38 -24.46 -11.10
N ALA C 142 -48.87 -23.23 -11.25
CA ALA C 142 -48.56 -22.41 -12.41
C ALA C 142 -47.76 -21.19 -11.99
N ALA C 143 -46.79 -20.81 -12.80
CA ALA C 143 -45.96 -19.65 -12.57
C ALA C 143 -46.28 -18.60 -13.62
N LEU C 144 -46.80 -17.45 -13.17
CA LEU C 144 -47.08 -16.33 -14.06
C LEU C 144 -46.42 -15.08 -13.49
N GLY C 145 -46.02 -14.19 -14.39
CA GLY C 145 -45.33 -13.00 -13.97
C GLY C 145 -45.45 -11.87 -14.97
N CYS C 146 -44.61 -10.86 -14.77
CA CYS C 146 -44.54 -9.69 -15.63
C CYS C 146 -43.10 -9.36 -15.93
N LEU C 147 -42.83 -8.98 -17.18
CA LEU C 147 -41.49 -8.64 -17.65
C LEU C 147 -41.43 -7.12 -17.79
N VAL C 148 -40.80 -6.46 -16.82
CA VAL C 148 -40.67 -5.01 -16.79
C VAL C 148 -39.40 -4.67 -17.57
N LYS C 149 -39.56 -4.20 -18.80
CA LYS C 149 -38.47 -4.13 -19.77
C LYS C 149 -38.07 -2.68 -20.04
N ASP C 150 -36.76 -2.41 -19.94
CA ASP C 150 -36.13 -1.21 -20.48
C ASP C 150 -36.69 0.07 -19.85
N TYR C 151 -36.27 0.30 -18.60
CA TYR C 151 -36.57 1.53 -17.87
C TYR C 151 -35.29 2.10 -17.28
N PHE C 152 -35.37 3.36 -16.85
CA PHE C 152 -34.22 4.09 -16.32
C PHE C 152 -34.68 5.39 -15.65
N PRO C 153 -34.11 5.77 -14.49
CA PRO C 153 -33.15 5.05 -13.66
C PRO C 153 -33.88 4.01 -12.83
N GLU C 154 -33.41 3.67 -11.64
CA GLU C 154 -34.07 2.54 -11.02
C GLU C 154 -34.95 3.14 -9.93
N PRO C 155 -35.77 2.34 -9.24
CA PRO C 155 -36.29 0.98 -9.35
C PRO C 155 -37.74 1.03 -9.80
N VAL C 156 -38.34 -0.13 -9.98
CA VAL C 156 -39.76 -0.25 -10.22
C VAL C 156 -40.36 -1.11 -9.12
N THR C 157 -41.57 -0.74 -8.69
CA THR C 157 -42.35 -1.54 -7.76
C THR C 157 -43.40 -2.32 -8.55
N VAL C 158 -43.33 -3.65 -8.47
CA VAL C 158 -44.34 -4.53 -9.03
C VAL C 158 -45.09 -5.16 -7.86
N SER C 159 -46.36 -4.80 -7.70
CA SER C 159 -47.25 -5.49 -6.80
C SER C 159 -48.18 -6.39 -7.63
N TRP C 160 -49.08 -7.10 -6.94
CA TRP C 160 -49.98 -8.03 -7.61
C TRP C 160 -51.39 -7.84 -7.06
N ASN C 161 -52.34 -7.58 -7.95
CA ASN C 161 -53.75 -7.40 -7.60
C ASN C 161 -53.94 -6.29 -6.57
N SER C 162 -53.28 -5.16 -6.82
CA SER C 162 -53.40 -3.96 -5.99
C SER C 162 -52.99 -4.23 -4.54
N GLY C 163 -52.08 -5.19 -4.34
CA GLY C 163 -51.62 -5.54 -3.02
C GLY C 163 -52.39 -6.64 -2.31
N ALA C 164 -53.41 -7.20 -2.96
CA ALA C 164 -54.22 -8.23 -2.33
C ALA C 164 -53.62 -9.63 -2.42
N LEU C 165 -52.48 -9.79 -3.08
CA LEU C 165 -51.90 -11.10 -3.36
C LEU C 165 -50.45 -10.98 -2.95
N THR C 166 -50.14 -11.27 -1.68
CA THR C 166 -48.80 -11.01 -1.16
C THR C 166 -47.91 -12.26 -1.21
N SER C 167 -48.33 -13.30 -0.50
CA SER C 167 -47.55 -14.53 -0.40
C SER C 167 -47.57 -15.27 -1.73
N GLY C 168 -46.41 -15.86 -2.07
CA GLY C 168 -46.22 -16.47 -3.36
C GLY C 168 -45.63 -15.55 -4.40
N VAL C 169 -45.46 -14.26 -4.09
CA VAL C 169 -44.89 -13.28 -5.01
C VAL C 169 -43.41 -13.14 -4.72
N HIS C 170 -42.61 -13.04 -5.78
CA HIS C 170 -41.19 -12.73 -5.66
C HIS C 170 -40.80 -11.79 -6.79
N THR C 171 -40.44 -10.55 -6.44
CA THR C 171 -39.90 -9.62 -7.43
C THR C 171 -38.38 -9.71 -7.45
N PHE C 172 -37.81 -9.72 -8.65
CA PHE C 172 -36.40 -9.99 -8.86
C PHE C 172 -35.60 -8.71 -8.92
N PRO C 173 -34.29 -8.78 -8.62
CA PRO C 173 -33.43 -7.61 -8.81
C PRO C 173 -33.29 -7.26 -10.28
N ALA C 174 -33.19 -5.96 -10.54
CA ALA C 174 -33.08 -5.49 -11.92
C ALA C 174 -31.69 -5.78 -12.48
N VAL C 175 -31.63 -5.89 -13.81
CA VAL C 175 -30.38 -6.11 -14.52
C VAL C 175 -30.13 -4.92 -15.43
N LEU C 176 -28.88 -4.46 -15.48
CA LEU C 176 -28.46 -3.39 -16.39
C LEU C 176 -28.02 -4.03 -17.69
N GLN C 177 -28.87 -3.97 -18.71
CA GLN C 177 -28.52 -4.57 -20.00
C GLN C 177 -27.44 -3.74 -20.68
N SER C 178 -26.86 -4.31 -21.74
CA SER C 178 -25.81 -3.63 -22.47
C SER C 178 -26.30 -2.35 -23.14
N SER C 179 -27.60 -2.25 -23.42
CA SER C 179 -28.17 -1.04 -24.00
C SER C 179 -28.21 0.12 -23.00
N GLY C 180 -27.90 -0.12 -21.74
CA GLY C 180 -27.97 0.91 -20.73
C GLY C 180 -29.32 1.10 -20.07
N LEU C 181 -30.19 0.10 -20.15
CA LEU C 181 -31.51 0.16 -19.55
C LEU C 181 -31.69 -1.02 -18.59
N TYR C 182 -32.76 -0.94 -17.80
CA TYR C 182 -33.01 -1.86 -16.70
C TYR C 182 -34.18 -2.77 -17.03
N SER C 183 -34.03 -4.06 -16.71
CA SER C 183 -35.09 -5.04 -16.88
C SER C 183 -35.32 -5.75 -15.55
N LEU C 184 -36.58 -6.08 -15.28
CA LEU C 184 -36.96 -6.64 -13.99
C LEU C 184 -38.16 -7.56 -14.19
N SER C 185 -38.11 -8.73 -13.55
CA SER C 185 -39.21 -9.68 -13.59
C SER C 185 -39.79 -9.85 -12.20
N SER C 186 -41.09 -10.15 -12.15
CA SER C 186 -41.80 -10.37 -10.89
C SER C 186 -42.85 -11.42 -11.13
N VAL C 187 -42.79 -12.52 -10.37
CA VAL C 187 -43.65 -13.68 -10.61
C VAL C 187 -44.41 -14.03 -9.34
N VAL C 188 -45.50 -14.78 -9.53
CA VAL C 188 -46.26 -15.35 -8.44
C VAL C 188 -46.67 -16.77 -8.83
N THR C 189 -46.47 -17.71 -7.91
CA THR C 189 -46.85 -19.11 -8.14
C THR C 189 -48.25 -19.33 -7.57
N VAL C 190 -49.15 -19.86 -8.40
CA VAL C 190 -50.54 -19.99 -8.02
C VAL C 190 -51.01 -21.40 -8.39
N PRO C 191 -52.06 -21.90 -7.72
CA PRO C 191 -52.64 -23.18 -8.12
C PRO C 191 -53.18 -23.11 -9.53
N SER C 192 -52.96 -24.20 -10.29
CA SER C 192 -53.39 -24.24 -11.68
C SER C 192 -54.91 -24.16 -11.82
N SER C 193 -55.65 -24.67 -10.83
CA SER C 193 -57.10 -24.60 -10.86
C SER C 193 -57.62 -23.18 -10.70
N SER C 194 -56.76 -22.21 -10.41
CA SER C 194 -57.15 -20.82 -10.27
C SER C 194 -56.90 -20.00 -11.53
N LEU C 195 -56.30 -20.60 -12.56
CA LEU C 195 -56.02 -19.86 -13.79
C LEU C 195 -57.27 -19.49 -14.56
N GLY C 196 -58.41 -20.09 -14.23
CA GLY C 196 -59.65 -19.77 -14.91
C GLY C 196 -60.69 -19.17 -14.00
N THR C 197 -60.38 -19.06 -12.71
CA THR C 197 -61.31 -18.54 -11.72
C THR C 197 -60.94 -17.16 -11.22
N GLN C 198 -59.66 -16.81 -11.27
CA GLN C 198 -59.15 -15.59 -10.67
C GLN C 198 -58.38 -14.78 -11.70
N THR C 199 -58.37 -13.46 -11.51
CA THR C 199 -57.64 -12.55 -12.36
C THR C 199 -56.33 -12.15 -11.69
N TYR C 200 -55.25 -12.14 -12.46
CA TYR C 200 -53.93 -11.81 -11.96
C TYR C 200 -53.41 -10.59 -12.69
N ILE C 201 -53.22 -9.50 -11.96
CA ILE C 201 -52.79 -8.22 -12.53
C ILE C 201 -51.60 -7.72 -11.74
N CYS C 202 -50.46 -7.54 -12.42
CA CYS C 202 -49.28 -6.96 -11.80
C CYS C 202 -49.33 -5.45 -11.90
N ASN C 203 -48.78 -4.78 -10.88
CA ASN C 203 -48.93 -3.33 -10.75
C ASN C 203 -47.53 -2.75 -10.68
N VAL C 204 -47.03 -2.25 -11.80
CA VAL C 204 -45.68 -1.70 -11.86
C VAL C 204 -45.76 -0.19 -11.68
N ASN C 205 -44.83 0.37 -10.90
CA ASN C 205 -44.77 1.80 -10.75
C ASN C 205 -43.35 2.28 -11.07
N HIS C 206 -43.24 3.53 -11.55
CA HIS C 206 -41.92 4.08 -11.93
C HIS C 206 -42.00 5.61 -11.82
N LYS C 207 -41.86 6.07 -10.58
CA LYS C 207 -42.03 7.47 -10.16
C LYS C 207 -40.86 8.34 -10.69
N PRO C 208 -39.65 7.79 -10.96
CA PRO C 208 -38.64 8.55 -11.75
C PRO C 208 -39.16 9.07 -13.07
N SER C 209 -40.10 8.35 -13.69
CA SER C 209 -40.74 8.81 -14.91
C SER C 209 -42.24 9.01 -14.75
N ASN C 210 -42.77 8.92 -13.52
CA ASN C 210 -44.20 9.08 -13.25
C ASN C 210 -45.02 8.13 -14.11
N THR C 211 -44.60 6.88 -14.17
CA THR C 211 -45.21 5.86 -15.01
C THR C 211 -45.85 4.79 -14.14
N LYS C 212 -47.11 4.48 -14.42
CA LYS C 212 -47.84 3.42 -13.72
C LYS C 212 -48.62 2.62 -14.74
N VAL C 213 -48.35 1.32 -14.81
CA VAL C 213 -48.94 0.43 -15.79
C VAL C 213 -49.55 -0.76 -15.05
N ASP C 214 -50.78 -1.10 -15.38
CA ASP C 214 -51.44 -2.32 -14.89
C ASP C 214 -51.56 -3.32 -16.04
N LYS C 215 -51.41 -4.60 -15.72
CA LYS C 215 -51.27 -5.66 -16.73
C LYS C 215 -52.10 -6.89 -16.33
N LYS C 216 -53.10 -7.23 -17.12
CA LYS C 216 -53.80 -8.49 -16.93
C LYS C 216 -53.01 -9.62 -17.59
N VAL C 217 -52.68 -10.67 -16.82
CA VAL C 217 -51.95 -11.83 -17.33
C VAL C 217 -52.95 -12.97 -17.53
N GLU C 218 -53.09 -13.42 -18.79
CA GLU C 218 -54.02 -14.48 -19.17
C GLU C 218 -53.26 -15.75 -19.55
N PRO C 219 -53.78 -16.92 -19.21
CA PRO C 219 -53.08 -18.17 -19.53
C PRO C 219 -52.99 -18.42 -21.02
N LYS C 220 -51.87 -19.01 -21.44
CA LYS C 220 -51.63 -19.32 -22.84
C LYS C 220 -52.46 -20.53 -23.28
N ASN D 1 -0.90 -15.42 -18.81
CA ASN D 1 -2.02 -14.94 -18.01
C ASN D 1 -2.31 -15.87 -16.84
N PHE D 2 -2.10 -15.39 -15.63
CA PHE D 2 -2.27 -16.17 -14.42
C PHE D 2 -3.70 -15.99 -13.89
N MET D 3 -4.42 -17.09 -13.73
CA MET D 3 -5.80 -17.06 -13.30
C MET D 3 -5.98 -17.88 -12.02
N LEU D 4 -7.03 -17.54 -11.28
CA LEU D 4 -7.39 -18.22 -10.03
C LEU D 4 -8.84 -18.67 -10.15
N THR D 5 -9.06 -19.97 -10.18
CA THR D 5 -10.39 -20.54 -10.34
C THR D 5 -10.88 -21.14 -9.03
N GLN D 6 -12.16 -20.95 -8.75
CA GLN D 6 -12.81 -21.41 -7.53
C GLN D 6 -14.11 -22.12 -7.87
N PRO D 7 -14.59 -23.00 -7.01
CA PRO D 7 -15.94 -23.54 -7.19
C PRO D 7 -16.98 -22.46 -6.99
N HIS D 8 -18.14 -22.66 -7.61
CA HIS D 8 -19.20 -21.66 -7.51
C HIS D 8 -19.82 -21.63 -6.12
N SER D 9 -19.97 -22.80 -5.49
CA SER D 9 -20.66 -22.88 -4.21
C SER D 9 -20.15 -24.06 -3.41
N VAL D 10 -20.23 -23.91 -2.08
CA VAL D 10 -19.97 -24.99 -1.14
C VAL D 10 -21.01 -24.87 -0.03
N SER D 11 -21.37 -26.01 0.55
CA SER D 11 -22.39 -26.02 1.60
C SER D 11 -22.18 -27.25 2.48
N GLU D 12 -22.52 -27.09 3.75
CA GLU D 12 -22.32 -28.16 4.73
C GLU D 12 -23.05 -27.79 6.01
N SER D 13 -23.60 -28.81 6.69
CA SER D 13 -24.38 -28.63 7.90
C SER D 13 -23.55 -27.93 8.98
N PRO D 14 -24.20 -27.30 9.96
CA PRO D 14 -23.44 -26.61 11.01
C PRO D 14 -22.74 -27.60 11.92
N GLY D 15 -21.50 -27.26 12.28
CA GLY D 15 -20.68 -28.14 13.09
C GLY D 15 -19.90 -29.14 12.26
N LYS D 16 -19.35 -28.67 11.14
CA LYS D 16 -18.57 -29.54 10.27
C LYS D 16 -17.55 -28.67 9.53
N THR D 17 -16.86 -29.27 8.55
CA THR D 17 -15.74 -28.61 7.90
C THR D 17 -15.91 -28.59 6.38
N VAL D 18 -15.51 -27.47 5.78
CA VAL D 18 -15.52 -27.30 4.33
C VAL D 18 -14.14 -26.87 3.88
N THR D 19 -13.74 -27.34 2.69
CA THR D 19 -12.55 -26.84 2.00
C THR D 19 -12.95 -26.15 0.71
N ILE D 20 -12.39 -24.96 0.49
CA ILE D 20 -12.58 -24.17 -0.72
C ILE D 20 -11.26 -24.14 -1.46
N SER D 21 -11.26 -24.70 -2.67
CA SER D 21 -10.05 -24.78 -3.49
C SER D 21 -9.87 -23.52 -4.32
N CYS D 22 -8.61 -23.10 -4.46
CA CYS D 22 -8.24 -21.94 -5.26
C CYS D 22 -7.15 -22.40 -6.21
N THR D 23 -7.53 -22.84 -7.39
CA THR D 23 -6.61 -23.47 -8.34
C THR D 23 -6.01 -22.42 -9.27
N GLY D 24 -4.69 -22.32 -9.25
CA GLY D 24 -4.02 -21.44 -10.19
C GLY D 24 -3.99 -22.04 -11.59
N SER D 25 -3.77 -21.17 -12.58
CA SER D 25 -3.79 -21.56 -13.98
C SER D 25 -2.67 -20.84 -14.71
N SER D 26 -1.91 -21.58 -15.51
CA SER D 26 -0.77 -21.05 -16.27
C SER D 26 0.20 -20.31 -15.36
N GLY D 27 0.66 -21.01 -14.33
CA GLY D 27 1.62 -20.46 -13.39
C GLY D 27 1.92 -21.42 -12.25
N SER D 28 2.16 -20.89 -11.06
CA SER D 28 2.43 -21.71 -9.88
C SER D 28 1.86 -21.01 -8.66
N ILE D 29 0.99 -21.71 -7.92
CA ILE D 29 0.35 -21.13 -6.76
C ILE D 29 1.34 -20.83 -5.64
N ALA D 30 2.55 -21.40 -5.70
CA ALA D 30 3.53 -21.19 -4.64
C ALA D 30 4.42 -19.98 -4.87
N SER D 31 4.48 -19.47 -6.10
CA SER D 31 5.39 -18.37 -6.41
C SER D 31 5.03 -17.09 -5.65
N ASN D 32 3.75 -16.92 -5.29
CA ASN D 32 3.33 -15.75 -4.55
C ASN D 32 2.30 -16.14 -3.50
N TYR D 33 2.26 -15.37 -2.42
CA TYR D 33 1.36 -15.67 -1.31
C TYR D 33 -0.10 -15.62 -1.77
N VAL D 34 -0.95 -16.34 -1.05
CA VAL D 34 -2.37 -16.43 -1.34
C VAL D 34 -3.14 -15.88 -0.15
N GLN D 35 -4.07 -14.97 -0.42
CA GLN D 35 -4.91 -14.35 0.60
C GLN D 35 -6.34 -14.79 0.42
N TRP D 36 -7.04 -14.98 1.54
CA TRP D 36 -8.45 -15.36 1.54
C TRP D 36 -9.27 -14.25 2.16
N TYR D 37 -10.38 -13.91 1.52
CA TYR D 37 -11.23 -12.81 1.96
C TYR D 37 -12.65 -13.31 2.18
N GLN D 38 -13.27 -12.85 3.27
CA GLN D 38 -14.67 -13.11 3.57
C GLN D 38 -15.44 -11.82 3.33
N GLN D 39 -16.29 -11.83 2.30
CA GLN D 39 -17.17 -10.71 2.02
C GLN D 39 -18.59 -11.07 2.40
N ARG D 40 -19.13 -10.37 3.38
CA ARG D 40 -20.53 -10.50 3.71
C ARG D 40 -21.37 -9.75 2.67
N PRO D 41 -22.62 -10.15 2.46
CA PRO D 41 -23.42 -9.52 1.40
C PRO D 41 -23.60 -8.02 1.64
N GLY D 42 -23.35 -7.25 0.59
CA GLY D 42 -23.44 -5.79 0.71
C GLY D 42 -22.45 -5.19 1.67
N SER D 43 -21.25 -5.77 1.75
CA SER D 43 -20.22 -5.30 2.68
C SER D 43 -18.86 -5.39 2.01
N ALA D 44 -17.88 -4.74 2.63
CA ALA D 44 -16.51 -4.81 2.14
C ALA D 44 -15.88 -6.13 2.57
N PRO D 45 -15.02 -6.70 1.72
CA PRO D 45 -14.35 -7.95 2.10
C PRO D 45 -13.48 -7.77 3.34
N THR D 46 -13.25 -8.86 4.04
CA THR D 46 -12.40 -8.88 5.23
C THR D 46 -11.36 -9.97 5.07
N THR D 47 -10.10 -9.64 5.36
CA THR D 47 -9.06 -10.66 5.35
C THR D 47 -9.36 -11.71 6.41
N VAL D 48 -9.28 -12.98 6.01
CA VAL D 48 -9.53 -14.07 6.95
C VAL D 48 -8.30 -14.98 6.97
N ILE D 49 -7.56 -14.99 5.87
CA ILE D 49 -6.29 -15.70 5.76
C ILE D 49 -5.38 -14.87 4.87
N TYR D 50 -4.15 -14.64 5.33
CA TYR D 50 -3.16 -13.91 4.56
C TYR D 50 -1.84 -14.67 4.59
N GLU D 51 -1.03 -14.47 3.56
CA GLU D 51 0.26 -15.14 3.41
C GLU D 51 0.12 -16.65 3.63
N ASP D 52 -0.60 -17.26 2.70
CA ASP D 52 -0.80 -18.71 2.62
C ASP D 52 -1.60 -19.27 3.80
N ASN D 53 -1.12 -19.09 5.03
CA ASN D 53 -1.74 -19.75 6.17
C ASN D 53 -1.86 -18.89 7.43
N GLN D 54 -1.51 -17.61 7.38
CA GLN D 54 -1.63 -16.77 8.56
C GLN D 54 -3.06 -16.25 8.70
N ARG D 55 -3.59 -16.32 9.92
CA ARG D 55 -4.87 -15.68 10.12
C ARG D 55 -4.71 -14.42 10.97
N PRO D 56 -5.40 -13.33 10.63
CA PRO D 56 -5.20 -12.08 11.37
C PRO D 56 -5.86 -12.13 12.74
N SER D 57 -5.36 -11.28 13.63
CA SER D 57 -5.84 -11.25 15.01
C SER D 57 -7.34 -10.95 15.05
N GLY D 58 -8.07 -11.78 15.80
CA GLY D 58 -9.51 -11.67 15.92
C GLY D 58 -10.26 -12.81 15.23
N VAL D 59 -9.73 -13.29 14.12
CA VAL D 59 -10.35 -14.44 13.43
C VAL D 59 -10.13 -15.69 14.27
N PRO D 60 -11.18 -16.46 14.57
CA PRO D 60 -11.00 -17.68 15.38
C PRO D 60 -10.11 -18.69 14.68
N ASP D 61 -9.53 -19.59 15.48
CA ASP D 61 -8.61 -20.58 14.94
C ASP D 61 -9.29 -21.64 14.09
N ARG D 62 -10.61 -21.59 13.95
CA ARG D 62 -11.31 -22.51 13.06
C ARG D 62 -11.17 -22.13 11.59
N PHE D 63 -10.34 -21.15 11.27
CA PHE D 63 -10.00 -20.80 9.90
C PHE D 63 -8.53 -21.16 9.65
N SER D 64 -8.27 -21.87 8.56
CA SER D 64 -6.91 -22.28 8.23
C SER D 64 -6.73 -22.27 6.72
N GLY D 65 -5.47 -22.11 6.30
CA GLY D 65 -5.14 -22.13 4.89
C GLY D 65 -3.93 -23.02 4.64
N SER D 66 -3.82 -23.49 3.40
CA SER D 66 -2.73 -24.37 3.01
C SER D 66 -2.42 -24.18 1.54
N ILE D 67 -1.34 -24.82 1.09
CA ILE D 67 -0.88 -24.76 -0.28
C ILE D 67 -0.66 -26.18 -0.78
N ASP D 68 -1.22 -26.51 -1.94
CA ASP D 68 -1.05 -27.82 -2.57
C ASP D 68 -0.39 -27.56 -3.92
N SER D 69 0.93 -27.40 -3.91
CA SER D 69 1.67 -27.13 -5.14
C SER D 69 1.72 -28.35 -6.05
N SER D 70 1.36 -29.55 -5.54
CA SER D 70 1.25 -30.71 -6.40
C SER D 70 0.08 -30.57 -7.37
N SER D 71 -1.07 -30.12 -6.87
CA SER D 71 -2.23 -29.86 -7.71
C SER D 71 -2.36 -28.39 -8.08
N ASN D 72 -1.35 -27.57 -7.75
CA ASN D 72 -1.29 -26.16 -8.15
C ASN D 72 -2.49 -25.38 -7.62
N SER D 73 -2.75 -25.51 -6.32
CA SER D 73 -3.94 -24.92 -5.74
C SER D 73 -3.68 -24.50 -4.31
N ALA D 74 -4.50 -23.57 -3.83
CA ALA D 74 -4.54 -23.17 -2.43
C ALA D 74 -5.92 -23.49 -1.86
N SER D 75 -6.00 -23.58 -0.54
CA SER D 75 -7.21 -24.06 0.11
C SER D 75 -7.50 -23.28 1.38
N LEU D 76 -8.78 -23.04 1.63
CA LEU D 76 -9.27 -22.46 2.88
C LEU D 76 -10.18 -23.47 3.57
N THR D 77 -10.02 -23.62 4.88
CA THR D 77 -10.77 -24.60 5.65
C THR D 77 -11.39 -23.93 6.87
N ILE D 78 -12.68 -24.19 7.08
CA ILE D 78 -13.40 -23.67 8.24
C ILE D 78 -13.88 -24.85 9.07
N SER D 79 -13.52 -24.87 10.36
CA SER D 79 -13.88 -25.95 11.27
C SER D 79 -15.09 -25.57 12.09
N GLY D 80 -15.98 -26.56 12.32
CA GLY D 80 -17.18 -26.35 13.10
C GLY D 80 -18.00 -25.18 12.61
N LEU D 81 -18.64 -25.33 11.44
CA LEU D 81 -19.33 -24.21 10.83
C LEU D 81 -20.40 -23.65 11.74
N LYS D 82 -20.40 -22.33 11.91
CA LYS D 82 -21.47 -21.61 12.59
C LYS D 82 -22.29 -20.86 11.54
N THR D 83 -23.28 -20.11 12.00
CA THR D 83 -24.15 -19.38 11.07
C THR D 83 -23.44 -18.16 10.50
N GLU D 84 -22.61 -17.50 11.31
CA GLU D 84 -21.90 -16.32 10.83
C GLU D 84 -21.00 -16.67 9.65
N ASP D 85 -20.63 -17.95 9.48
CA ASP D 85 -19.51 -18.31 8.58
C ASP D 85 -19.99 -18.08 7.15
N GLU D 86 -21.32 -18.09 7.00
CA GLU D 86 -21.94 -18.08 5.68
C GLU D 86 -21.66 -16.78 4.96
N ALA D 87 -20.98 -16.86 3.82
CA ALA D 87 -20.66 -15.71 2.99
C ALA D 87 -19.98 -16.09 1.68
N ASP D 88 -19.61 -15.07 0.94
CA ASP D 88 -18.70 -15.20 -0.20
C ASP D 88 -17.25 -15.15 0.23
N TYR D 89 -16.46 -16.04 -0.38
CA TYR D 89 -15.04 -16.19 -0.03
C TYR D 89 -14.21 -16.14 -1.31
N TYR D 90 -13.31 -15.16 -1.37
CA TYR D 90 -12.46 -14.92 -2.53
C TYR D 90 -11.01 -15.19 -2.17
N CYS D 91 -10.31 -15.88 -3.05
CA CYS D 91 -8.88 -16.07 -2.92
C CYS D 91 -8.16 -15.06 -3.82
N GLN D 92 -7.01 -14.57 -3.35
CA GLN D 92 -6.29 -13.52 -4.04
C GLN D 92 -4.79 -13.77 -3.94
N SER D 93 -4.11 -13.57 -5.06
CA SER D 93 -2.66 -13.68 -5.11
C SER D 93 -2.14 -12.66 -6.12
N TYR D 94 -0.90 -12.84 -6.55
CA TYR D 94 -0.28 -12.02 -7.57
C TYR D 94 0.18 -12.91 -8.72
N ASP D 95 0.69 -12.29 -9.77
CA ASP D 95 1.31 -13.02 -10.88
C ASP D 95 2.73 -12.50 -11.07
N SER D 96 3.41 -13.03 -12.08
CA SER D 96 4.79 -12.64 -12.38
C SER D 96 4.88 -11.33 -13.14
N SER D 97 3.96 -10.39 -12.87
CA SER D 97 3.96 -9.10 -13.55
C SER D 97 3.32 -8.01 -12.71
N ASN D 98 3.36 -8.16 -11.38
CA ASN D 98 2.88 -7.19 -10.39
C ASN D 98 1.36 -6.99 -10.43
N HIS D 99 0.63 -7.75 -11.23
CA HIS D 99 -0.82 -7.63 -11.28
C HIS D 99 -1.46 -8.42 -10.14
N VAL D 100 -2.50 -7.85 -9.55
CA VAL D 100 -3.28 -8.53 -8.52
C VAL D 100 -4.38 -9.33 -9.20
N VAL D 101 -4.38 -10.63 -8.97
CA VAL D 101 -5.36 -11.54 -9.55
C VAL D 101 -6.23 -12.09 -8.43
N PHE D 102 -7.55 -12.02 -8.62
CA PHE D 102 -8.52 -12.55 -7.67
C PHE D 102 -9.09 -13.87 -8.17
N GLY D 103 -9.80 -14.55 -7.27
CA GLY D 103 -10.59 -15.70 -7.66
C GLY D 103 -12.00 -15.30 -8.03
N GLY D 104 -12.67 -16.16 -8.80
CA GLY D 104 -14.04 -15.89 -9.21
C GLY D 104 -15.02 -15.80 -8.06
N GLY D 105 -14.65 -16.29 -6.89
CA GLY D 105 -15.52 -16.24 -5.74
C GLY D 105 -16.26 -17.54 -5.51
N THR D 106 -16.55 -17.82 -4.24
CA THR D 106 -17.25 -19.03 -3.83
C THR D 106 -18.25 -18.66 -2.75
N LYS D 107 -19.46 -19.18 -2.84
CA LYS D 107 -20.46 -18.93 -1.81
C LYS D 107 -20.53 -20.12 -0.89
N LEU D 108 -20.31 -19.87 0.41
CA LEU D 108 -20.50 -20.85 1.46
C LEU D 108 -21.92 -20.74 1.99
N THR D 109 -22.53 -21.89 2.28
CA THR D 109 -23.86 -21.93 2.86
C THR D 109 -23.85 -22.85 4.07
N VAL D 110 -24.39 -22.36 5.18
CA VAL D 110 -24.51 -23.13 6.41
C VAL D 110 -25.95 -23.62 6.47
N LEU D 111 -26.13 -24.91 6.24
CA LEU D 111 -27.46 -25.48 6.04
C LEU D 111 -28.25 -25.46 7.35
N GLY D 112 -29.21 -24.54 7.43
CA GLY D 112 -30.17 -24.53 8.51
C GLY D 112 -31.54 -24.92 8.00
N GLN D 113 -31.57 -25.50 6.80
CA GLN D 113 -32.80 -25.85 6.10
C GLN D 113 -32.48 -27.00 5.16
N PRO D 114 -33.37 -27.98 5.00
CA PRO D 114 -33.07 -29.11 4.12
C PRO D 114 -32.90 -28.68 2.66
N LYS D 115 -32.22 -29.54 1.90
CA LYS D 115 -31.98 -29.30 0.48
C LYS D 115 -33.30 -29.21 -0.27
N ALA D 116 -33.28 -28.46 -1.38
CA ALA D 116 -34.47 -28.32 -2.22
C ALA D 116 -34.03 -28.02 -3.65
N ALA D 117 -34.47 -28.87 -4.58
CA ALA D 117 -34.19 -28.64 -5.99
C ALA D 117 -35.06 -27.49 -6.52
N PRO D 118 -34.60 -26.79 -7.55
CA PRO D 118 -35.34 -25.63 -8.05
C PRO D 118 -36.58 -26.03 -8.83
N SER D 119 -37.39 -25.02 -9.15
CA SER D 119 -38.56 -25.15 -10.02
C SER D 119 -38.34 -24.19 -11.19
N VAL D 120 -38.12 -24.74 -12.37
CA VAL D 120 -37.72 -23.96 -13.54
C VAL D 120 -38.92 -23.78 -14.46
N THR D 121 -39.17 -22.53 -14.88
CA THR D 121 -40.21 -22.21 -15.85
C THR D 121 -39.61 -21.33 -16.93
N LEU D 122 -39.70 -21.77 -18.18
CA LEU D 122 -39.16 -21.04 -19.31
C LEU D 122 -40.31 -20.48 -20.15
N PHE D 123 -40.24 -19.19 -20.46
CA PHE D 123 -41.30 -18.49 -21.18
C PHE D 123 -40.83 -18.13 -22.58
N PRO D 124 -41.64 -18.37 -23.60
CA PRO D 124 -41.35 -17.83 -24.93
C PRO D 124 -41.64 -16.35 -24.98
N PRO D 125 -41.20 -15.64 -26.02
CA PRO D 125 -41.54 -14.22 -26.13
C PRO D 125 -43.05 -14.03 -26.23
N SER D 126 -43.57 -13.11 -25.42
CA SER D 126 -45.00 -12.88 -25.37
C SER D 126 -45.45 -12.06 -26.57
N SER D 127 -46.63 -12.42 -27.11
CA SER D 127 -47.20 -11.85 -28.33
C SER D 127 -47.06 -10.33 -28.42
N GLU D 128 -47.09 -9.65 -27.27
CA GLU D 128 -46.89 -8.21 -27.27
C GLU D 128 -45.48 -7.83 -27.72
N GLU D 129 -44.48 -8.59 -27.27
CA GLU D 129 -43.10 -8.28 -27.67
C GLU D 129 -42.87 -8.55 -29.14
N LEU D 130 -43.60 -9.50 -29.73
CA LEU D 130 -43.35 -9.86 -31.11
C LEU D 130 -43.77 -8.75 -32.06
N GLN D 131 -44.83 -8.02 -31.71
CA GLN D 131 -45.26 -6.86 -32.48
C GLN D 131 -44.44 -5.61 -32.16
N ALA D 132 -43.66 -5.63 -31.07
CA ALA D 132 -42.75 -4.55 -30.73
C ALA D 132 -41.34 -4.78 -31.25
N ASN D 133 -41.17 -5.73 -32.16
CA ASN D 133 -39.93 -5.97 -32.90
C ASN D 133 -38.79 -6.45 -32.02
N LYS D 134 -39.08 -6.94 -30.82
CA LYS D 134 -38.07 -7.59 -29.98
C LYS D 134 -38.49 -9.02 -29.67
N ALA D 135 -37.66 -9.69 -28.86
CA ALA D 135 -37.94 -11.03 -28.37
C ALA D 135 -37.04 -11.29 -27.17
N THR D 136 -37.64 -11.57 -26.02
CA THR D 136 -36.90 -11.82 -24.80
C THR D 136 -37.36 -13.12 -24.18
N LEU D 137 -36.45 -14.08 -24.09
CA LEU D 137 -36.69 -15.34 -23.40
C LEU D 137 -36.39 -15.20 -21.92
N VAL D 138 -37.35 -15.62 -21.10
CA VAL D 138 -37.31 -15.42 -19.66
C VAL D 138 -37.36 -16.78 -18.98
N CYS D 139 -36.38 -17.05 -18.12
CA CYS D 139 -36.24 -18.32 -17.43
C CYS D 139 -36.37 -18.09 -15.92
N LEU D 140 -37.43 -18.62 -15.34
CA LEU D 140 -37.68 -18.56 -13.91
C LEU D 140 -37.10 -19.76 -13.19
N ILE D 141 -36.37 -19.50 -12.11
CA ILE D 141 -35.80 -20.53 -11.25
C ILE D 141 -36.19 -20.18 -9.81
N SER D 142 -36.93 -21.07 -9.15
CA SER D 142 -37.54 -20.74 -7.87
C SER D 142 -37.49 -21.95 -6.94
N ASP D 143 -37.53 -21.64 -5.64
CA ASP D 143 -37.70 -22.64 -4.58
C ASP D 143 -36.53 -23.63 -4.53
N PHE D 144 -35.31 -23.10 -4.56
CA PHE D 144 -34.13 -23.93 -4.41
C PHE D 144 -33.34 -23.50 -3.19
N TYR D 145 -32.58 -24.45 -2.64
CA TYR D 145 -31.71 -24.23 -1.49
C TYR D 145 -30.57 -25.24 -1.54
N PRO D 146 -29.31 -24.83 -1.33
CA PRO D 146 -28.86 -23.46 -1.05
C PRO D 146 -28.98 -22.50 -2.24
N GLY D 147 -28.73 -21.22 -1.99
CA GLY D 147 -28.91 -20.20 -3.01
C GLY D 147 -27.72 -19.98 -3.91
N ALA D 148 -27.53 -20.90 -4.87
CA ALA D 148 -26.47 -20.75 -5.87
C ALA D 148 -26.78 -21.69 -7.02
N VAL D 149 -26.89 -21.14 -8.23
CA VAL D 149 -27.16 -21.92 -9.43
C VAL D 149 -26.12 -21.53 -10.49
N THR D 150 -26.10 -22.32 -11.56
CA THR D 150 -25.39 -21.94 -12.79
C THR D 150 -26.35 -22.17 -13.96
N VAL D 151 -26.68 -21.09 -14.66
CA VAL D 151 -27.61 -21.13 -15.77
C VAL D 151 -26.83 -21.09 -17.07
N ALA D 152 -27.28 -21.86 -18.06
CA ALA D 152 -26.64 -21.91 -19.36
C ALA D 152 -27.73 -21.98 -20.43
N TRP D 153 -27.72 -21.02 -21.34
CA TRP D 153 -28.69 -20.98 -22.42
C TRP D 153 -28.19 -21.81 -23.60
N LYS D 154 -29.14 -22.30 -24.39
CA LYS D 154 -28.82 -23.27 -25.44
C LYS D 154 -29.74 -22.97 -26.61
N ALA D 155 -29.20 -22.94 -27.82
CA ALA D 155 -29.98 -22.70 -29.03
C ALA D 155 -29.75 -23.83 -30.01
N ASP D 156 -30.69 -24.77 -30.08
CA ASP D 156 -30.62 -25.94 -30.95
C ASP D 156 -29.31 -26.70 -30.70
N SER D 157 -29.13 -27.09 -29.42
CA SER D 157 -27.97 -27.81 -28.89
C SER D 157 -26.72 -26.94 -28.87
N SER D 158 -26.76 -25.76 -29.48
CA SER D 158 -25.56 -24.95 -29.37
C SER D 158 -25.71 -23.94 -28.23
N PRO D 159 -24.64 -23.70 -27.47
CA PRO D 159 -24.72 -22.73 -26.37
C PRO D 159 -24.77 -21.32 -26.90
N VAL D 160 -25.28 -20.41 -26.07
CA VAL D 160 -25.39 -19.00 -26.39
C VAL D 160 -24.91 -18.20 -25.19
N LYS D 161 -23.96 -17.30 -25.42
CA LYS D 161 -23.49 -16.37 -24.39
C LYS D 161 -23.72 -14.92 -24.79
N ALA D 162 -24.44 -14.67 -25.89
CA ALA D 162 -24.71 -13.33 -26.38
C ALA D 162 -26.08 -12.89 -25.89
N GLY D 163 -26.13 -11.76 -25.20
CA GLY D 163 -27.40 -11.25 -24.70
C GLY D 163 -27.96 -12.05 -23.55
N VAL D 164 -27.12 -12.42 -22.58
CA VAL D 164 -27.54 -13.19 -21.42
C VAL D 164 -27.31 -12.35 -20.17
N GLU D 165 -28.35 -12.23 -19.34
CA GLU D 165 -28.28 -11.57 -18.05
C GLU D 165 -28.87 -12.50 -17.01
N THR D 166 -28.19 -12.64 -15.87
CA THR D 166 -28.62 -13.55 -14.83
C THR D 166 -28.48 -12.88 -13.48
N THR D 167 -29.53 -12.94 -12.67
CA THR D 167 -29.51 -12.37 -11.33
C THR D 167 -28.86 -13.34 -10.36
N THR D 168 -28.23 -12.79 -9.34
CA THR D 168 -27.74 -13.69 -8.31
C THR D 168 -28.89 -14.15 -7.42
N PRO D 169 -28.82 -15.37 -6.90
CA PRO D 169 -29.93 -15.91 -6.10
C PRO D 169 -30.33 -14.97 -4.97
N SER D 170 -31.61 -14.63 -4.93
CA SER D 170 -32.18 -13.78 -3.89
C SER D 170 -33.13 -14.61 -3.04
N LYS D 171 -33.17 -14.31 -1.74
CA LYS D 171 -33.94 -15.11 -0.80
C LYS D 171 -35.44 -14.92 -1.04
N GLN D 172 -36.13 -16.01 -1.33
CA GLN D 172 -37.58 -15.97 -1.41
C GLN D 172 -38.17 -15.80 0.00
N SER D 173 -39.44 -15.41 0.04
CA SER D 173 -40.10 -15.19 1.33
C SER D 173 -40.30 -16.49 2.11
N ASN D 174 -40.01 -17.65 1.52
CA ASN D 174 -40.12 -18.94 2.19
C ASN D 174 -38.75 -19.52 2.53
N ASN D 175 -37.77 -18.63 2.79
CA ASN D 175 -36.41 -19.00 3.18
C ASN D 175 -35.63 -19.67 2.05
N LYS D 176 -36.34 -20.11 1.00
CA LYS D 176 -35.68 -20.67 -0.18
C LYS D 176 -35.27 -19.51 -1.09
N TYR D 177 -34.82 -19.82 -2.30
CA TYR D 177 -34.16 -18.87 -3.16
C TYR D 177 -34.75 -18.89 -4.56
N ALA D 178 -34.66 -17.75 -5.23
CA ALA D 178 -35.09 -17.60 -6.61
C ALA D 178 -34.00 -16.90 -7.42
N ALA D 179 -34.09 -17.05 -8.74
CA ALA D 179 -33.16 -16.42 -9.66
C ALA D 179 -33.81 -16.37 -11.03
N SER D 180 -33.33 -15.45 -11.86
CA SER D 180 -33.90 -15.27 -13.19
C SER D 180 -32.78 -15.07 -14.20
N SER D 181 -33.00 -15.57 -15.42
CA SER D 181 -32.05 -15.43 -16.51
C SER D 181 -32.81 -15.02 -17.77
N TYR D 182 -32.20 -14.12 -18.55
CA TYR D 182 -32.84 -13.57 -19.74
C TYR D 182 -31.94 -13.77 -20.95
N LEU D 183 -32.56 -14.13 -22.08
CA LEU D 183 -31.87 -14.24 -23.36
C LEU D 183 -32.61 -13.34 -24.35
N SER D 184 -31.95 -12.26 -24.78
CA SER D 184 -32.53 -11.31 -25.72
C SER D 184 -32.20 -11.75 -27.14
N LEU D 185 -33.23 -11.98 -27.94
CA LEU D 185 -33.08 -12.39 -29.32
C LEU D 185 -33.76 -11.38 -30.23
N THR D 186 -33.39 -11.43 -31.48
CA THR D 186 -34.22 -10.73 -32.43
C THR D 186 -35.35 -11.64 -32.90
N PRO D 187 -36.50 -11.07 -33.25
CA PRO D 187 -37.60 -11.90 -33.78
C PRO D 187 -37.18 -12.83 -34.90
N GLU D 188 -36.25 -12.40 -35.77
CA GLU D 188 -35.74 -13.29 -36.80
C GLU D 188 -34.96 -14.45 -36.20
N GLN D 189 -34.11 -14.17 -35.22
CA GLN D 189 -33.37 -15.24 -34.56
C GLN D 189 -34.29 -16.16 -33.76
N TRP D 190 -35.35 -15.62 -33.17
CA TRP D 190 -36.27 -16.44 -32.39
C TRP D 190 -37.00 -17.45 -33.28
N LYS D 191 -37.54 -16.97 -34.41
CA LYS D 191 -38.19 -17.86 -35.37
C LYS D 191 -37.20 -18.66 -36.22
N SER D 192 -35.90 -18.36 -36.11
CA SER D 192 -34.88 -19.07 -36.88
C SER D 192 -34.75 -20.52 -36.42
N HIS D 193 -34.13 -20.72 -35.26
CA HIS D 193 -33.86 -22.06 -34.76
C HIS D 193 -35.16 -22.79 -34.40
N ARG D 194 -35.03 -24.08 -34.14
CA ARG D 194 -36.19 -24.90 -33.82
C ARG D 194 -36.67 -24.72 -32.39
N SER D 195 -35.75 -24.46 -31.45
CA SER D 195 -36.12 -24.29 -30.06
C SER D 195 -34.97 -23.64 -29.32
N TYR D 196 -35.24 -23.25 -28.08
CA TYR D 196 -34.25 -22.70 -27.18
C TYR D 196 -34.37 -23.38 -25.82
N SER D 197 -33.28 -23.38 -25.06
CA SER D 197 -33.21 -24.16 -23.83
C SER D 197 -32.60 -23.33 -22.72
N CYS D 198 -33.10 -23.54 -21.51
CA CYS D 198 -32.55 -22.93 -20.29
C CYS D 198 -32.16 -24.06 -19.35
N GLN D 199 -30.87 -24.34 -19.26
CA GLN D 199 -30.35 -25.39 -18.40
C GLN D 199 -29.93 -24.79 -17.06
N VAL D 200 -30.44 -25.35 -15.98
CA VAL D 200 -30.16 -24.89 -14.62
C VAL D 200 -29.48 -26.02 -13.86
N THR D 201 -28.33 -25.73 -13.29
CA THR D 201 -27.56 -26.71 -12.52
C THR D 201 -27.54 -26.29 -11.05
N HIS D 202 -28.06 -27.15 -10.18
CA HIS D 202 -28.10 -26.90 -8.75
C HIS D 202 -27.58 -28.13 -8.02
N GLU D 203 -26.46 -27.96 -7.31
CA GLU D 203 -25.86 -29.04 -6.52
C GLU D 203 -25.56 -30.26 -7.38
N GLY D 204 -25.01 -30.02 -8.57
CA GLY D 204 -24.65 -31.09 -9.49
C GLY D 204 -25.80 -31.67 -10.27
N SER D 205 -27.03 -31.27 -10.00
CA SER D 205 -28.20 -31.77 -10.72
C SER D 205 -28.66 -30.73 -11.74
N THR D 206 -28.92 -31.18 -12.96
CA THR D 206 -29.28 -30.30 -14.06
C THR D 206 -30.76 -30.45 -14.37
N VAL D 207 -31.46 -29.31 -14.44
CA VAL D 207 -32.86 -29.25 -14.83
C VAL D 207 -32.94 -28.48 -16.15
N GLU D 208 -33.83 -28.93 -17.04
CA GLU D 208 -33.90 -28.33 -18.37
C GLU D 208 -35.35 -28.11 -18.78
N LYS D 209 -35.62 -26.91 -19.31
CA LYS D 209 -36.87 -26.56 -19.95
C LYS D 209 -36.58 -26.06 -21.35
N THR D 210 -37.47 -26.38 -22.29
CA THR D 210 -37.27 -26.00 -23.70
C THR D 210 -38.58 -25.52 -24.29
N VAL D 211 -38.60 -24.26 -24.73
CA VAL D 211 -39.71 -23.72 -25.46
C VAL D 211 -39.36 -23.68 -26.96
N ALA D 212 -40.37 -23.50 -27.79
CA ALA D 212 -40.19 -23.49 -29.23
C ALA D 212 -41.24 -22.57 -29.85
N PRO D 213 -40.95 -21.99 -31.02
CA PRO D 213 -41.97 -21.18 -31.69
C PRO D 213 -43.18 -22.01 -32.07
N THR D 214 -44.35 -21.59 -31.60
CA THR D 214 -45.60 -22.30 -31.88
C THR D 214 -46.65 -21.35 -32.44
#